data_3L2H
#
_entry.id   3L2H
#
_cell.length_a   75.876
_cell.length_b   93.744
_cell.length_c   139.042
_cell.angle_alpha   90.000
_cell.angle_beta   90.000
_cell.angle_gamma   90.000
#
_symmetry.space_group_name_H-M   'P 21 21 21'
#
loop_
_entity.id
_entity.type
_entity.pdbx_description
1 polymer 'Putative sugar phosphate isomerase'
2 non-polymer 'CHLORIDE ION'
3 non-polymer '3-CYCLOHEXYL-1-PROPYLSULFONIC ACID'
4 non-polymer 1,2-ETHANEDIOL
5 water water
#
_entity_poly.entity_id   1
_entity_poly.type   'polypeptide(L)'
_entity_poly.pdbx_seq_one_letter_code
;G(MSE)DTRKLLLTAQEISR(MSE)KGEHKVHFLNPGAVRVNKSLGDAVGLRH(MSE)GIHLIQIEPGKESTEYHLHHYE
EEAVYVLSGKGTLT(MSE)ENDQYPIAPGDFVGFPCHAAAHSISNDGTETLVCLVIGQRLDQDVVDYPNQHKRLYRNNGE
WNLVD(MSE)ADIRVLREPTQK
;
_entity_poly.pdbx_strand_id   A,B,C,D
#
loop_
_chem_comp.id
_chem_comp.type
_chem_comp.name
_chem_comp.formula
CL non-polymer 'CHLORIDE ION' 'Cl -1'
CXS non-polymer '3-CYCLOHEXYL-1-PROPYLSULFONIC ACID' 'C9 H19 N O3 S'
EDO non-polymer 1,2-ETHANEDIOL 'C2 H6 O2'
#
# COMPACT_ATOMS: atom_id res chain seq x y z
N GLY A 1 10.45 -13.80 27.09
CA GLY A 1 11.86 -14.32 26.96
C GLY A 1 12.82 -13.15 26.96
N MSE A 2 14.09 -13.43 27.26
CA MSE A 2 15.09 -12.37 27.37
C MSE A 2 15.28 -11.64 26.05
O MSE A 2 15.59 -10.47 26.05
CB MSE A 2 16.40 -12.95 27.85
CG MSE A 2 16.30 -13.29 29.30
SE MSE A 2 17.19 -11.91 30.29
CE MSE A 2 18.72 -13.09 30.20
N ASP A 3 14.99 -12.31 24.94
CA ASP A 3 15.21 -11.65 23.66
C ASP A 3 14.11 -10.64 23.25
N THR A 4 13.11 -10.42 24.13
CA THR A 4 12.17 -9.27 23.91
C THR A 4 12.25 -8.16 25.02
N ARG A 5 13.17 -8.28 25.97
CA ARG A 5 13.44 -7.21 26.91
C ARG A 5 13.76 -5.92 26.16
N LYS A 6 14.40 -6.04 24.99
CA LYS A 6 14.83 -4.84 24.24
C LYS A 6 13.69 -3.99 23.73
N LEU A 7 12.48 -4.55 23.68
CA LEU A 7 11.32 -3.81 23.21
C LEU A 7 10.74 -2.83 24.24
N LEU A 8 11.13 -2.99 25.49
CA LEU A 8 10.78 -2.09 26.59
C LEU A 8 11.93 -1.13 26.83
N LEU A 9 11.66 0.17 26.77
CA LEU A 9 12.62 1.22 27.15
C LEU A 9 12.12 1.88 28.39
N THR A 10 12.74 1.61 29.53
CA THR A 10 12.29 2.26 30.75
C THR A 10 12.61 3.77 30.71
N ALA A 11 11.92 4.50 31.59
CA ALA A 11 12.12 5.94 31.73
C ALA A 11 13.61 6.27 31.85
N GLN A 12 14.32 5.49 32.62
N GLN A 12 14.30 5.49 32.67
CA GLN A 12 15.72 5.79 32.87
CA GLN A 12 15.73 5.70 32.91
C GLN A 12 16.64 5.32 31.72
C GLN A 12 16.57 5.39 31.67
N GLU A 13 16.24 4.29 30.99
CA GLU A 13 16.94 3.94 29.74
C GLU A 13 16.81 5.10 28.73
N ILE A 14 15.61 5.70 28.70
CA ILE A 14 15.33 6.82 27.79
C ILE A 14 16.15 8.09 28.19
N SER A 15 16.12 8.42 29.47
CA SER A 15 16.91 9.51 30.02
C SER A 15 18.39 9.38 29.64
N ARG A 16 18.96 8.18 29.73
N ARG A 16 18.93 8.18 29.71
CA ARG A 16 20.39 7.97 29.46
CA ARG A 16 20.36 7.96 29.46
C ARG A 16 20.74 7.83 27.97
C ARG A 16 20.73 7.82 27.98
N MSE A 17 19.75 7.67 27.09
CA MSE A 17 20.01 7.70 25.67
C MSE A 17 20.59 9.08 25.32
O MSE A 17 20.11 10.11 25.85
CB MSE A 17 18.76 7.47 24.82
CG MSE A 17 18.34 6.05 24.80
SE MSE A 17 16.49 6.02 23.93
CE MSE A 17 17.04 6.41 22.11
N LYS A 18 21.61 9.11 24.49
CA LYS A 18 22.18 10.36 24.06
C LYS A 18 21.26 11.04 23.01
N GLY A 19 20.66 10.26 22.15
CA GLY A 19 19.87 10.83 21.07
C GLY A 19 20.78 11.39 19.99
N GLU A 20 20.21 12.05 19.00
CA GLU A 20 20.99 12.65 17.94
C GLU A 20 20.76 14.11 17.88
N HIS A 21 21.81 14.85 17.67
CA HIS A 21 21.70 16.29 17.40
C HIS A 21 21.21 16.46 15.96
N LYS A 22 20.01 16.97 15.77
CA LYS A 22 19.47 17.10 14.41
C LYS A 22 19.14 18.49 14.05
N VAL A 23 19.63 18.92 12.88
CA VAL A 23 19.35 20.25 12.33
C VAL A 23 18.57 20.03 11.03
N HIS A 24 17.41 20.68 10.90
CA HIS A 24 16.59 20.51 9.71
C HIS A 24 17.35 21.03 8.47
N PHE A 25 17.25 20.31 7.37
CA PHE A 25 18.07 20.58 6.17
C PHE A 25 17.77 21.89 5.48
N LEU A 26 16.65 22.50 5.83
CA LEU A 26 16.23 23.78 5.28
C LEU A 26 16.12 24.88 6.32
N ASN A 27 16.42 24.59 7.59
CA ASN A 27 16.32 25.58 8.68
C ASN A 27 17.41 25.36 9.78
N PRO A 28 18.50 26.13 9.72
CA PRO A 28 19.56 26.04 10.71
C PRO A 28 19.07 26.36 12.12
N GLY A 29 17.93 27.05 12.23
CA GLY A 29 17.33 27.34 13.52
C GLY A 29 16.46 26.19 14.07
N ALA A 30 16.22 25.17 13.25
CA ALA A 30 15.49 23.96 13.69
C ALA A 30 16.49 22.94 14.19
N VAL A 31 16.79 23.02 15.48
CA VAL A 31 17.81 22.20 16.12
C VAL A 31 17.19 21.52 17.29
N ARG A 32 17.42 20.21 17.44
CA ARG A 32 16.84 19.47 18.53
C ARG A 32 17.68 18.25 18.85
N VAL A 33 17.51 17.73 20.06
CA VAL A 33 18.04 16.44 20.43
C VAL A 33 16.89 15.49 20.17
N ASN A 34 17.14 14.49 19.34
CA ASN A 34 16.13 13.54 18.92
C ASN A 34 16.45 12.14 19.47
N LYS A 35 15.56 11.63 20.29
CA LYS A 35 15.68 10.24 20.78
C LYS A 35 14.62 9.43 20.06
N SER A 36 15.06 8.61 19.11
CA SER A 36 14.13 7.84 18.33
C SER A 36 13.76 6.58 19.10
N LEU A 37 12.63 6.66 19.76
CA LEU A 37 12.10 5.50 20.53
C LEU A 37 11.72 4.35 19.61
N GLY A 38 11.10 4.69 18.49
CA GLY A 38 10.75 3.71 17.53
C GLY A 38 11.91 2.96 16.94
N ASP A 39 12.96 3.67 16.57
CA ASP A 39 14.12 2.98 16.01
C ASP A 39 14.86 2.12 17.08
N ALA A 40 14.81 2.55 18.32
CA ALA A 40 15.47 1.80 19.40
C ALA A 40 14.83 0.42 19.56
N VAL A 41 13.52 0.30 19.27
CA VAL A 41 12.82 -0.97 19.46
C VAL A 41 12.53 -1.70 18.13
N GLY A 42 12.85 -1.08 17.01
CA GLY A 42 12.69 -1.69 15.70
C GLY A 42 11.39 -1.42 14.95
N LEU A 43 10.63 -0.40 15.33
CA LEU A 43 9.48 0.04 14.54
C LEU A 43 9.96 0.56 13.20
N ARG A 44 9.25 0.20 12.14
N ARG A 44 9.27 0.13 12.14
CA ARG A 44 9.64 0.59 10.81
CA ARG A 44 9.60 0.48 10.76
C ARG A 44 8.58 1.33 10.03
C ARG A 44 8.61 1.42 10.10
N HIS A 45 7.34 1.34 10.52
CA HIS A 45 6.25 2.02 9.79
C HIS A 45 5.75 3.25 10.47
N MSE A 46 6.30 3.50 11.64
N MSE A 46 6.17 3.45 11.69
CA MSE A 46 5.93 4.61 12.47
CA MSE A 46 5.94 4.75 12.30
C MSE A 46 7.16 5.20 13.16
C MSE A 46 7.20 5.21 13.02
O MSE A 46 7.99 4.45 13.71
O MSE A 46 8.08 4.41 13.40
CB MSE A 46 4.93 4.10 13.51
CB MSE A 46 4.70 4.76 13.21
CG MSE A 46 3.63 3.56 12.89
CG MSE A 46 4.63 3.69 14.26
SE MSE A 46 2.41 5.04 12.62
SE MSE A 46 2.79 3.41 14.91
CE MSE A 46 1.38 4.49 11.08
CE MSE A 46 3.37 2.13 16.11
N GLY A 47 7.29 6.53 13.13
CA GLY A 47 8.36 7.21 13.87
C GLY A 47 7.80 7.72 15.19
N ILE A 48 8.48 7.42 16.29
CA ILE A 48 8.05 7.90 17.60
C ILE A 48 9.32 8.43 18.21
N HIS A 49 9.34 9.75 18.38
CA HIS A 49 10.54 10.43 18.84
C HIS A 49 10.32 11.31 20.04
N LEU A 50 11.27 11.25 20.98
N LEU A 50 11.25 11.24 20.99
CA LEU A 50 11.26 12.14 22.12
CA LEU A 50 11.18 12.17 22.11
C LEU A 50 12.23 13.24 21.77
C LEU A 50 12.20 13.24 21.81
N ILE A 51 11.71 14.47 21.59
CA ILE A 51 12.53 15.57 21.17
C ILE A 51 12.68 16.63 22.26
N GLN A 52 13.84 17.26 22.27
CA GLN A 52 14.17 18.38 23.19
C GLN A 52 14.57 19.55 22.33
N ILE A 53 13.85 20.66 22.51
CA ILE A 53 14.08 21.87 21.75
C ILE A 53 14.42 22.97 22.76
N GLU A 54 15.57 23.57 22.61
CA GLU A 54 16.02 24.57 23.55
C GLU A 54 15.47 25.92 23.19
N PRO A 55 15.52 26.83 24.16
CA PRO A 55 15.04 28.19 23.91
C PRO A 55 15.69 28.81 22.68
N GLY A 56 14.87 29.45 21.86
CA GLY A 56 15.30 30.10 20.64
C GLY A 56 15.35 29.19 19.42
N LYS A 57 15.00 27.93 19.58
CA LYS A 57 15.09 26.99 18.46
C LYS A 57 13.70 26.56 18.05
N GLU A 58 13.62 25.90 16.88
N GLU A 58 13.63 25.87 16.92
CA GLU A 58 12.37 25.38 16.33
CA GLU A 58 12.35 25.38 16.40
C GLU A 58 12.40 23.88 16.13
C GLU A 58 12.40 23.89 16.11
N SER A 59 11.21 23.31 15.91
CA SER A 59 11.05 21.88 15.71
C SER A 59 11.32 21.42 14.31
N THR A 60 11.25 22.33 13.35
CA THR A 60 11.24 21.94 11.96
C THR A 60 11.30 23.19 11.09
N GLU A 61 11.35 22.98 9.80
CA GLU A 61 11.03 24.02 8.87
C GLU A 61 9.54 23.95 8.59
N TYR A 62 8.85 25.08 8.73
CA TYR A 62 7.43 25.20 8.44
C TYR A 62 7.03 24.34 7.24
N HIS A 63 6.19 23.34 7.44
CA HIS A 63 5.96 22.31 6.40
C HIS A 63 4.57 21.73 6.42
N LEU A 64 4.20 21.11 5.29
CA LEU A 64 2.94 20.46 5.10
C LEU A 64 3.17 19.13 4.35
N HIS A 65 2.75 18.01 4.94
CA HIS A 65 2.81 16.71 4.34
C HIS A 65 1.59 16.40 3.50
N HIS A 66 1.82 15.82 2.34
CA HIS A 66 0.72 15.35 1.48
C HIS A 66 0.27 13.91 1.77
N TYR A 67 1.15 13.04 2.25
CA TYR A 67 0.83 11.61 2.51
C TYR A 67 1.09 11.10 3.93
N GLU A 68 2.11 11.60 4.61
CA GLU A 68 2.38 11.16 5.97
C GLU A 68 1.64 11.99 7.03
N GLU A 69 0.83 11.35 7.85
CA GLU A 69 0.28 12.00 9.03
C GLU A 69 1.40 12.25 10.07
N GLU A 70 1.19 13.23 10.93
CA GLU A 70 2.14 13.58 11.97
C GLU A 70 1.35 14.14 13.14
N ALA A 71 1.90 14.01 14.34
CA ALA A 71 1.29 14.54 15.54
C ALA A 71 2.35 14.84 16.59
N VAL A 72 1.98 15.62 17.60
CA VAL A 72 2.89 16.07 18.66
C VAL A 72 2.12 16.10 19.98
N TYR A 73 2.70 15.57 21.04
CA TYR A 73 2.17 15.59 22.39
C TYR A 73 3.23 16.22 23.27
N VAL A 74 2.89 17.34 23.92
CA VAL A 74 3.83 18.05 24.74
C VAL A 74 3.96 17.40 26.13
N LEU A 75 5.21 17.15 26.52
CA LEU A 75 5.49 16.52 27.80
C LEU A 75 5.96 17.50 28.90
N SER A 76 6.81 18.45 28.57
CA SER A 76 7.23 19.48 29.52
C SER A 76 7.72 20.68 28.78
N GLY A 77 7.70 21.81 29.45
CA GLY A 77 8.03 23.05 28.81
C GLY A 77 6.89 23.62 27.99
N LYS A 78 7.16 24.77 27.37
CA LYS A 78 6.16 25.58 26.72
C LYS A 78 6.70 26.11 25.41
N GLY A 79 5.84 26.18 24.41
CA GLY A 79 6.21 26.65 23.05
C GLY A 79 5.13 27.44 22.34
N THR A 80 5.41 27.77 21.08
CA THR A 80 4.47 28.45 20.23
C THR A 80 4.33 27.63 18.95
N LEU A 81 3.10 27.22 18.72
CA LEU A 81 2.72 26.47 17.51
C LEU A 81 2.27 27.49 16.47
N THR A 82 2.95 27.50 15.31
CA THR A 82 2.53 28.27 14.17
C THR A 82 1.85 27.31 13.19
N MSE A 83 0.60 27.63 12.86
CA MSE A 83 -0.23 26.75 12.04
C MSE A 83 -0.93 27.65 11.05
O MSE A 83 -1.74 28.48 11.44
CB MSE A 83 -1.17 25.95 12.95
CG MSE A 83 -1.57 24.72 12.49
SE MSE A 83 -2.34 23.57 13.83
CE MSE A 83 -3.14 24.83 15.04
N GLU A 84 -0.61 27.50 9.77
CA GLU A 84 -1.13 28.42 8.75
C GLU A 84 -0.84 29.87 9.19
N ASN A 85 -1.81 30.75 9.18
CA ASN A 85 -1.50 32.11 9.66
C ASN A 85 -1.03 32.19 11.14
N ASP A 86 -1.77 31.43 11.94
CA ASP A 86 -1.98 31.65 13.37
C ASP A 86 -0.89 31.12 14.31
N GLN A 87 -0.79 31.75 15.48
CA GLN A 87 0.12 31.30 16.53
C GLN A 87 -0.66 30.89 17.76
N TYR A 88 -0.25 29.78 18.35
CA TYR A 88 -0.95 29.26 19.53
C TYR A 88 0.06 28.87 20.59
N PRO A 89 -0.16 29.30 21.81
CA PRO A 89 0.74 28.80 22.82
C PRO A 89 0.46 27.32 23.07
N ILE A 90 1.50 26.54 23.35
CA ILE A 90 1.34 25.15 23.74
C ILE A 90 2.08 24.91 25.07
N ALA A 91 1.60 23.90 25.78
CA ALA A 91 1.98 23.58 27.15
C ALA A 91 1.86 22.06 27.38
N PRO A 92 2.32 21.59 28.52
CA PRO A 92 2.27 20.15 28.68
C PRO A 92 0.85 19.57 28.67
N GLY A 93 0.69 18.44 28.00
CA GLY A 93 -0.60 17.79 27.88
C GLY A 93 -1.36 18.20 26.65
N ASP A 94 -0.84 19.18 25.94
CA ASP A 94 -1.45 19.59 24.68
C ASP A 94 -1.09 18.59 23.60
N PHE A 95 -2.02 18.37 22.68
CA PHE A 95 -1.87 17.51 21.51
C PHE A 95 -2.22 18.28 20.27
N VAL A 96 -1.42 18.11 19.22
CA VAL A 96 -1.74 18.64 17.89
C VAL A 96 -1.56 17.50 16.87
N GLY A 97 -2.54 17.35 16.00
CA GLY A 97 -2.45 16.37 14.92
C GLY A 97 -2.60 16.97 13.54
N PHE A 98 -1.89 16.37 12.58
CA PHE A 98 -1.91 16.82 11.21
C PHE A 98 -2.29 15.74 10.22
N PRO A 99 -3.59 15.67 9.90
CA PRO A 99 -4.00 14.89 8.76
C PRO A 99 -3.34 15.44 7.51
N CYS A 100 -3.22 14.59 6.48
N CYS A 100 -3.23 14.59 6.48
CA CYS A 100 -2.60 15.05 5.24
CA CYS A 100 -2.59 15.00 5.23
C CYS A 100 -3.27 16.27 4.68
C CYS A 100 -3.26 16.25 4.63
N HIS A 101 -2.45 17.19 4.15
CA HIS A 101 -2.95 18.43 3.52
C HIS A 101 -3.71 19.36 4.41
N ALA A 102 -3.71 19.15 5.70
CA ALA A 102 -4.57 19.95 6.53
C ALA A 102 -3.98 21.32 6.82
N ALA A 103 -2.74 21.38 7.27
CA ALA A 103 -2.17 22.64 7.73
C ALA A 103 -0.66 22.57 7.83
N ALA A 104 0.01 23.58 7.26
CA ALA A 104 1.41 23.76 7.43
C ALA A 104 1.68 24.18 8.89
N HIS A 105 2.78 23.73 9.45
CA HIS A 105 3.12 24.13 10.80
C HIS A 105 4.59 24.07 11.13
N SER A 106 4.96 24.79 12.18
N SER A 106 4.96 24.78 12.19
CA SER A 106 6.24 24.63 12.85
CA SER A 106 6.24 24.64 12.85
C SER A 106 5.98 24.95 14.32
C SER A 106 6.00 24.98 14.31
N ILE A 107 6.89 24.52 15.20
CA ILE A 107 6.84 24.85 16.62
C ILE A 107 8.14 25.55 17.02
N SER A 108 8.06 26.65 17.74
CA SER A 108 9.26 27.28 18.28
C SER A 108 9.24 27.22 19.79
N ASN A 109 10.42 27.19 20.39
CA ASN A 109 10.55 27.34 21.82
C ASN A 109 11.02 28.74 22.09
N ASP A 110 10.10 29.63 22.46
CA ASP A 110 10.45 31.02 22.78
C ASP A 110 10.42 31.25 24.28
N GLY A 111 10.59 30.17 25.04
CA GLY A 111 10.56 30.20 26.48
C GLY A 111 11.91 30.23 27.13
N THR A 112 11.93 29.79 28.37
CA THR A 112 13.14 29.81 29.17
C THR A 112 13.53 28.42 29.69
N GLU A 113 12.81 27.39 29.31
CA GLU A 113 13.09 26.00 29.68
C GLU A 113 13.04 25.13 28.42
N THR A 114 13.67 23.98 28.47
CA THR A 114 13.63 23.01 27.37
C THR A 114 12.22 22.62 27.11
N LEU A 115 11.85 22.57 25.83
CA LEU A 115 10.54 22.05 25.39
C LEU A 115 10.70 20.59 25.02
N VAL A 116 9.98 19.69 25.70
CA VAL A 116 10.11 18.26 25.48
C VAL A 116 8.78 17.72 24.92
N CYS A 117 8.81 17.07 23.76
CA CYS A 117 7.60 16.56 23.08
C CYS A 117 7.81 15.17 22.57
N LEU A 118 6.71 14.44 22.43
CA LEU A 118 6.71 13.23 21.63
C LEU A 118 6.24 13.62 20.30
N VAL A 119 7.00 13.28 19.26
CA VAL A 119 6.61 13.49 17.89
C VAL A 119 6.33 12.08 17.30
N ILE A 120 5.16 11.95 16.69
CA ILE A 120 4.65 10.68 16.24
C ILE A 120 4.31 10.85 14.76
N GLY A 121 4.83 9.99 13.90
CA GLY A 121 4.59 10.13 12.45
C GLY A 121 4.52 8.81 11.69
N GLN A 122 3.84 8.80 10.55
CA GLN A 122 3.87 7.64 9.68
C GLN A 122 5.19 7.67 8.98
N ARG A 123 5.70 6.52 8.57
CA ARG A 123 6.86 6.43 7.72
C ARG A 123 6.44 5.74 6.47
N LEU A 124 6.44 6.47 5.36
CA LEU A 124 5.99 5.93 4.10
C LEU A 124 7.13 6.02 3.11
N ASP A 125 7.14 5.10 2.17
CA ASP A 125 8.15 5.08 1.11
C ASP A 125 8.06 6.30 0.18
N GLN A 126 6.87 6.84 0.00
N GLN A 126 6.86 6.86 0.04
CA GLN A 126 6.63 8.03 -0.84
CA GLN A 126 6.59 8.00 -0.85
C GLN A 126 5.91 9.14 -0.09
C GLN A 126 5.88 9.14 -0.11
N ASP A 127 6.40 10.37 -0.26
CA ASP A 127 5.71 11.55 0.29
C ASP A 127 6.06 12.76 -0.56
N VAL A 128 5.27 13.82 -0.34
CA VAL A 128 5.50 15.12 -0.92
C VAL A 128 5.34 16.05 0.28
N VAL A 129 6.30 16.94 0.46
CA VAL A 129 6.31 17.88 1.54
C VAL A 129 6.55 19.26 0.98
N ASP A 130 5.72 20.18 1.37
CA ASP A 130 5.87 21.57 0.98
C ASP A 130 6.46 22.36 2.13
N TYR A 131 7.29 23.34 1.76
CA TYR A 131 7.94 24.25 2.67
C TYR A 131 7.55 25.64 2.16
N PRO A 132 6.36 26.11 2.56
CA PRO A 132 5.85 27.37 1.97
C PRO A 132 6.73 28.59 2.16
N ASN A 133 7.42 28.72 3.30
CA ASN A 133 8.26 29.90 3.48
C ASN A 133 9.52 29.87 2.60
N GLN A 134 9.89 28.69 2.12
CA GLN A 134 11.02 28.55 1.23
C GLN A 134 10.56 28.44 -0.26
N HIS A 135 9.26 28.30 -0.48
N HIS A 135 9.26 28.36 -0.48
CA HIS A 135 8.72 28.15 -1.82
CA HIS A 135 8.69 28.15 -1.83
C HIS A 135 9.33 26.91 -2.51
C HIS A 135 9.33 26.91 -2.51
N LYS A 136 9.41 25.81 -1.75
CA LYS A 136 9.96 24.54 -2.24
C LYS A 136 9.09 23.38 -1.93
N ARG A 137 9.09 22.43 -2.88
CA ARG A 137 8.41 21.17 -2.72
C ARG A 137 9.42 20.04 -2.78
N LEU A 138 9.32 19.09 -1.84
CA LEU A 138 10.17 17.93 -1.82
C LEU A 138 9.36 16.75 -2.27
N TYR A 139 9.84 16.04 -3.29
CA TYR A 139 9.26 14.78 -3.64
C TYR A 139 10.22 13.71 -3.11
N ARG A 140 9.75 12.86 -2.20
CA ARG A 140 10.56 11.79 -1.65
C ARG A 140 9.98 10.45 -2.07
N ASN A 141 10.81 9.69 -2.79
CA ASN A 141 10.40 8.47 -3.43
C ASN A 141 11.41 7.33 -3.20
N ASN A 142 11.11 6.45 -2.25
CA ASN A 142 12.00 5.33 -1.96
C ASN A 142 13.50 5.69 -1.87
N GLY A 143 13.80 6.67 -1.02
CA GLY A 143 15.18 7.09 -0.81
C GLY A 143 15.69 8.12 -1.79
N GLU A 144 14.98 8.35 -2.90
CA GLU A 144 15.40 9.43 -3.77
C GLU A 144 14.68 10.71 -3.32
N TRP A 145 15.45 11.73 -2.98
CA TRP A 145 14.92 13.02 -2.61
C TRP A 145 15.13 14.01 -3.78
N ASN A 146 14.04 14.66 -4.17
CA ASN A 146 14.01 15.61 -5.27
C ASN A 146 13.40 16.91 -4.76
N LEU A 147 14.21 17.95 -4.57
CA LEU A 147 13.74 19.24 -4.08
C LEU A 147 13.64 20.18 -5.27
N VAL A 148 12.46 20.77 -5.43
CA VAL A 148 12.15 21.62 -6.57
C VAL A 148 11.53 22.94 -6.12
N ASP A 149 11.99 24.05 -6.71
N ASP A 149 11.99 24.03 -6.72
CA ASP A 149 11.40 25.34 -6.44
CA ASP A 149 11.40 25.34 -6.51
C ASP A 149 9.99 25.35 -7.03
C ASP A 149 9.98 25.32 -7.04
N MSE A 150 9.04 25.83 -6.25
CA MSE A 150 7.65 25.78 -6.66
C MSE A 150 7.37 26.53 -7.97
O MSE A 150 6.49 26.11 -8.74
CB MSE A 150 6.75 26.30 -5.52
CG MSE A 150 6.69 25.35 -4.32
SE MSE A 150 5.58 26.22 -2.98
CE MSE A 150 5.26 24.64 -1.79
N ALA A 151 8.20 27.53 -8.27
CA ALA A 151 8.12 28.30 -9.50
C ALA A 151 8.52 27.44 -10.72
N ASP A 152 9.23 26.35 -10.47
CA ASP A 152 9.67 25.47 -11.53
C ASP A 152 8.73 24.29 -11.80
N ILE A 153 7.58 24.25 -11.16
CA ILE A 153 6.65 23.16 -11.29
C ILE A 153 5.53 23.53 -12.23
N ARG A 154 5.35 22.78 -13.29
CA ARG A 154 4.24 22.96 -14.20
C ARG A 154 3.10 22.07 -13.71
N VAL A 155 2.05 22.69 -13.18
CA VAL A 155 0.91 21.93 -12.67
C VAL A 155 -0.04 21.67 -13.82
N LEU A 156 -0.09 20.44 -14.31
CA LEU A 156 -0.97 20.14 -15.43
C LEU A 156 -2.36 19.83 -14.90
N ARG A 157 -2.45 19.19 -13.73
CA ARG A 157 -3.72 18.92 -13.01
C ARG A 157 -3.49 19.06 -11.51
N GLU A 158 -4.50 19.55 -10.78
CA GLU A 158 -4.36 19.85 -9.33
C GLU A 158 -4.75 18.67 -8.40
N GLY B 1 20.26 -0.75 -25.09
CA GLY B 1 21.47 -1.66 -24.99
C GLY B 1 21.09 -3.15 -24.87
N MSE B 2 22.11 -4.02 -24.89
CA MSE B 2 21.92 -5.49 -24.92
C MSE B 2 21.19 -6.08 -23.74
O MSE B 2 20.47 -7.08 -23.87
CB MSE B 2 23.28 -6.18 -25.00
CG MSE B 2 23.17 -7.73 -24.90
SE MSE B 2 24.93 -8.64 -25.05
CE MSE B 2 24.36 -10.53 -24.61
N ASP B 3 21.39 -5.46 -22.56
CA ASP B 3 20.78 -5.96 -21.30
C ASP B 3 19.25 -5.77 -21.23
N THR B 4 18.69 -5.06 -22.20
N THR B 4 18.64 -5.06 -22.15
CA THR B 4 17.26 -4.78 -22.28
CA THR B 4 17.18 -4.92 -22.12
C THR B 4 16.53 -5.71 -23.26
C THR B 4 16.51 -5.69 -23.27
N ARG B 5 17.28 -6.39 -24.11
CA ARG B 5 16.68 -7.31 -25.08
C ARG B 5 15.83 -8.36 -24.38
N LYS B 6 16.16 -8.73 -23.15
CA LYS B 6 15.39 -9.72 -22.42
C LYS B 6 13.97 -9.26 -22.07
N LEU B 7 13.67 -7.98 -22.23
CA LEU B 7 12.31 -7.48 -21.95
C LEU B 7 11.36 -7.80 -23.06
N LEU B 8 11.90 -8.13 -24.24
CA LEU B 8 11.07 -8.52 -25.41
C LEU B 8 11.09 -10.05 -25.51
N LEU B 9 9.89 -10.63 -25.60
CA LEU B 9 9.69 -12.02 -25.84
C LEU B 9 8.98 -12.12 -27.17
N THR B 10 9.69 -12.49 -28.23
CA THR B 10 9.06 -12.56 -29.54
C THR B 10 8.12 -13.75 -29.64
N ALA B 11 7.23 -13.71 -30.63
CA ALA B 11 6.29 -14.84 -30.85
C ALA B 11 6.98 -16.17 -30.91
N GLN B 12 8.11 -16.24 -31.61
CA GLN B 12 8.80 -17.54 -31.73
C GLN B 12 9.46 -17.95 -30.44
N GLU B 13 9.99 -17.00 -29.68
CA GLU B 13 10.52 -17.34 -28.35
C GLU B 13 9.41 -17.91 -27.47
N ILE B 14 8.25 -17.30 -27.53
CA ILE B 14 7.11 -17.72 -26.74
C ILE B 14 6.64 -19.12 -27.20
N SER B 15 6.51 -19.32 -28.52
CA SER B 15 5.96 -20.60 -28.96
C SER B 15 6.90 -21.73 -28.59
N ARG B 16 8.19 -21.44 -28.57
CA ARG B 16 9.18 -22.43 -28.18
C ARG B 16 9.28 -22.66 -26.68
N MSE B 17 8.83 -21.74 -25.85
CA MSE B 17 8.88 -21.97 -24.39
C MSE B 17 8.20 -23.28 -24.02
O MSE B 17 7.16 -23.59 -24.56
CB MSE B 17 8.19 -20.85 -23.61
CG MSE B 17 8.96 -19.56 -23.51
SE MSE B 17 7.89 -18.16 -22.79
CE MSE B 17 7.94 -18.84 -20.91
N LYS B 18 8.78 -24.08 -23.13
CA LYS B 18 8.09 -25.31 -22.73
C LYS B 18 6.92 -24.96 -21.79
N GLY B 19 7.11 -23.96 -20.96
CA GLY B 19 6.05 -23.60 -20.03
C GLY B 19 6.12 -24.57 -18.86
N GLU B 20 5.22 -24.40 -17.93
CA GLU B 20 5.16 -25.24 -16.77
C GLU B 20 3.84 -25.97 -16.81
N HIS B 21 3.89 -27.24 -16.47
CA HIS B 21 2.71 -28.06 -16.31
C HIS B 21 2.10 -27.69 -14.96
N LYS B 22 0.94 -27.07 -14.96
N LYS B 22 0.97 -26.99 -14.98
CA LYS B 22 0.38 -26.59 -13.69
CA LYS B 22 0.28 -26.54 -13.75
C LYS B 22 -1.00 -27.21 -13.47
C LYS B 22 -0.96 -27.35 -13.53
N VAL B 23 -1.16 -27.78 -12.29
CA VAL B 23 -2.41 -28.44 -11.88
C VAL B 23 -2.84 -27.71 -10.60
N HIS B 24 -4.08 -27.23 -10.56
CA HIS B 24 -4.57 -26.58 -9.36
C HIS B 24 -4.64 -27.60 -8.20
N PHE B 25 -4.20 -27.22 -7.00
CA PHE B 25 -4.16 -28.21 -5.90
C PHE B 25 -5.55 -28.65 -5.39
N LEU B 26 -6.59 -27.90 -5.77
CA LEU B 26 -7.96 -28.22 -5.42
C LEU B 26 -8.77 -28.80 -6.57
N ASN B 27 -8.16 -28.96 -7.75
CA ASN B 27 -8.91 -29.46 -8.92
C ASN B 27 -7.99 -30.21 -9.86
N PRO B 28 -8.07 -31.54 -9.86
CA PRO B 28 -7.16 -32.31 -10.69
C PRO B 28 -7.48 -32.17 -12.18
N GLY B 29 -8.67 -31.69 -12.52
CA GLY B 29 -9.00 -31.40 -13.90
C GLY B 29 -8.47 -30.06 -14.40
N ALA B 30 -7.97 -29.22 -13.48
CA ALA B 30 -7.48 -27.88 -13.86
C ALA B 30 -5.99 -27.99 -14.21
N VAL B 31 -5.74 -28.46 -15.43
CA VAL B 31 -4.42 -28.80 -15.91
C VAL B 31 -4.18 -27.91 -17.09
N ARG B 32 -3.06 -27.18 -17.07
N ARG B 32 -3.05 -27.22 -17.10
CA ARG B 32 -2.75 -26.26 -18.15
CA ARG B 32 -2.73 -26.39 -18.23
C ARG B 32 -1.24 -26.09 -18.37
C ARG B 32 -1.23 -26.33 -18.47
N VAL B 33 -0.85 -25.79 -19.62
CA VAL B 33 0.52 -25.42 -19.90
C VAL B 33 0.52 -23.93 -19.61
N ASN B 34 1.41 -23.49 -18.72
CA ASN B 34 1.49 -22.10 -18.34
C ASN B 34 2.83 -21.52 -18.71
N LYS B 35 2.81 -20.47 -19.52
CA LYS B 35 3.98 -19.72 -19.90
C LYS B 35 3.89 -18.33 -19.23
N SER B 36 4.74 -18.11 -18.25
CA SER B 36 4.65 -16.90 -17.49
C SER B 36 5.50 -15.81 -18.19
N LEU B 37 4.80 -15.03 -19.00
CA LEU B 37 5.47 -13.98 -19.77
C LEU B 37 6.05 -12.91 -18.82
N GLY B 38 5.28 -12.56 -17.80
CA GLY B 38 5.72 -11.59 -16.82
C GLY B 38 6.93 -12.03 -16.05
N ASP B 39 7.01 -13.30 -15.62
CA ASP B 39 8.18 -13.71 -14.84
C ASP B 39 9.40 -13.77 -15.72
N ALA B 40 9.21 -14.13 -16.98
CA ALA B 40 10.29 -14.19 -17.94
C ALA B 40 10.97 -12.82 -18.11
N VAL B 41 10.20 -11.73 -18.06
CA VAL B 41 10.82 -10.41 -18.24
C VAL B 41 11.11 -9.70 -16.93
N GLY B 42 10.57 -10.19 -15.83
CA GLY B 42 10.89 -9.58 -14.56
C GLY B 42 9.77 -8.77 -13.93
N LEU B 43 8.57 -8.87 -14.45
CA LEU B 43 7.45 -8.21 -13.76
C LEU B 43 7.17 -8.83 -12.39
N ARG B 44 6.92 -7.96 -11.41
CA ARG B 44 6.67 -8.38 -10.04
C ARG B 44 5.27 -8.08 -9.49
N HIS B 45 4.58 -7.09 -10.03
N HIS B 45 4.60 -7.11 -10.11
CA HIS B 45 3.31 -6.65 -9.43
CA HIS B 45 3.28 -6.64 -9.69
C HIS B 45 2.08 -7.06 -10.22
C HIS B 45 2.13 -7.27 -10.50
N MSE B 46 2.33 -7.77 -11.32
N MSE B 46 2.37 -7.59 -11.77
CA MSE B 46 1.30 -8.30 -12.19
CA MSE B 46 1.38 -8.16 -12.66
C MSE B 46 1.82 -9.62 -12.70
C MSE B 46 1.81 -9.55 -13.02
O MSE B 46 3.04 -9.82 -12.79
O MSE B 46 2.99 -9.73 -13.33
CB MSE B 46 1.04 -7.44 -13.42
CB MSE B 46 1.30 -7.33 -13.94
CG MSE B 46 1.08 -5.95 -13.22
CG MSE B 46 1.02 -5.87 -13.71
SE MSE B 46 0.61 -5.04 -14.92
SE MSE B 46 -0.84 -5.53 -13.24
CE MSE B 46 1.94 -5.66 -16.06
CE MSE B 46 -1.48 -5.46 -15.05
N GLY B 47 0.88 -10.50 -13.02
CA GLY B 47 1.12 -11.80 -13.60
C GLY B 47 0.50 -11.74 -14.99
N ILE B 48 1.27 -12.08 -16.01
CA ILE B 48 0.77 -12.17 -17.34
C ILE B 48 1.21 -13.55 -17.86
N HIS B 49 0.22 -14.39 -18.19
CA HIS B 49 0.40 -15.79 -18.48
C HIS B 49 -0.29 -16.14 -19.80
N LEU B 50 0.43 -16.83 -20.66
CA LEU B 50 -0.18 -17.44 -21.84
C LEU B 50 -0.44 -18.90 -21.50
N ILE B 51 -1.69 -19.29 -21.49
CA ILE B 51 -2.08 -20.63 -21.01
C ILE B 51 -2.70 -21.42 -22.14
N GLN B 52 -2.50 -22.73 -22.07
CA GLN B 52 -3.11 -23.67 -23.00
C GLN B 52 -3.86 -24.72 -22.16
N ILE B 53 -5.15 -24.89 -22.46
CA ILE B 53 -6.05 -25.80 -21.79
C ILE B 53 -6.55 -26.77 -22.82
N GLU B 54 -6.21 -28.03 -22.63
CA GLU B 54 -6.63 -29.06 -23.57
C GLU B 54 -8.09 -29.45 -23.39
N PRO B 55 -8.70 -30.03 -24.44
CA PRO B 55 -10.10 -30.45 -24.31
C PRO B 55 -10.30 -31.35 -23.10
N GLY B 56 -11.36 -31.08 -22.34
CA GLY B 56 -11.66 -31.80 -21.13
C GLY B 56 -11.05 -31.22 -19.86
N LYS B 57 -10.21 -30.20 -19.95
CA LYS B 57 -9.58 -29.64 -18.78
C LYS B 57 -10.15 -28.27 -18.45
N GLU B 58 -9.71 -27.69 -17.34
CA GLU B 58 -10.26 -26.47 -16.84
C GLU B 58 -9.13 -25.52 -16.48
N SER B 59 -9.48 -24.26 -16.33
CA SER B 59 -8.50 -23.21 -16.11
C SER B 59 -8.04 -23.09 -14.67
N THR B 60 -8.87 -23.58 -13.73
CA THR B 60 -8.68 -23.28 -12.32
C THR B 60 -9.66 -24.09 -11.48
N GLU B 61 -9.59 -23.95 -10.17
CA GLU B 61 -10.72 -24.36 -9.32
C GLU B 61 -11.59 -23.15 -9.15
N TYR B 62 -12.88 -23.30 -9.38
CA TYR B 62 -13.90 -22.25 -9.19
C TYR B 62 -13.57 -21.39 -7.99
N HIS B 63 -13.35 -20.08 -8.22
CA HIS B 63 -12.85 -19.24 -7.15
C HIS B 63 -13.26 -17.76 -7.26
N LEU B 64 -13.09 -17.07 -6.14
CA LEU B 64 -13.40 -15.65 -6.00
C LEU B 64 -12.29 -14.98 -5.24
N HIS B 65 -11.69 -13.96 -5.82
CA HIS B 65 -10.68 -13.14 -5.13
C HIS B 65 -11.34 -11.96 -4.41
N HIS B 66 -10.84 -11.64 -3.24
CA HIS B 66 -11.33 -10.51 -2.49
C HIS B 66 -10.53 -9.23 -2.73
N TYR B 67 -9.26 -9.34 -3.12
CA TYR B 67 -8.37 -8.17 -3.30
C TYR B 67 -7.66 -8.11 -4.66
N GLU B 68 -7.26 -9.24 -5.21
CA GLU B 68 -6.60 -9.24 -6.52
C GLU B 68 -7.60 -9.28 -7.68
N GLU B 69 -7.48 -8.33 -8.61
CA GLU B 69 -8.20 -8.39 -9.88
C GLU B 69 -7.59 -9.45 -10.81
N GLU B 70 -8.41 -9.96 -11.73
CA GLU B 70 -7.99 -10.99 -12.65
C GLU B 70 -8.74 -10.74 -13.95
N ALA B 71 -8.18 -11.14 -15.09
CA ALA B 71 -8.87 -11.04 -16.37
C ALA B 71 -8.35 -12.09 -17.33
N VAL B 72 -9.14 -12.39 -18.36
CA VAL B 72 -8.80 -13.42 -19.36
C VAL B 72 -9.08 -12.89 -20.74
N TYR B 73 -8.15 -13.07 -21.68
CA TYR B 73 -8.36 -12.68 -23.09
C TYR B 73 -8.13 -13.90 -23.96
N VAL B 74 -9.15 -14.28 -24.71
CA VAL B 74 -9.09 -15.54 -25.47
C VAL B 74 -8.39 -15.31 -26.79
N LEU B 75 -7.31 -16.06 -27.02
CA LEU B 75 -6.55 -15.97 -28.26
C LEU B 75 -7.01 -16.99 -29.29
N SER B 76 -7.28 -18.24 -28.88
CA SER B 76 -7.80 -19.21 -29.84
C SER B 76 -8.55 -20.32 -29.14
N GLY B 77 -9.34 -21.02 -29.94
CA GLY B 77 -10.21 -22.06 -29.47
C GLY B 77 -11.43 -21.53 -28.73
N LYS B 78 -12.18 -22.45 -28.09
CA LYS B 78 -13.44 -22.15 -27.44
C LYS B 78 -13.52 -22.75 -26.06
N GLY B 79 -14.32 -22.13 -25.20
CA GLY B 79 -14.47 -22.62 -23.83
C GLY B 79 -15.85 -22.31 -23.29
N THR B 80 -16.09 -22.73 -22.06
CA THR B 80 -17.32 -22.45 -21.37
C THR B 80 -16.95 -21.76 -20.08
N LEU B 81 -17.45 -20.55 -19.90
CA LEU B 81 -17.17 -19.73 -18.73
C LEU B 81 -18.31 -19.92 -17.74
N THR B 82 -18.01 -20.37 -16.51
CA THR B 82 -18.98 -20.40 -15.44
C THR B 82 -18.72 -19.23 -14.52
N MSE B 83 -19.74 -18.42 -14.28
CA MSE B 83 -19.68 -17.32 -13.32
C MSE B 83 -20.91 -17.37 -12.47
O MSE B 83 -22.02 -17.34 -12.99
CB MSE B 83 -19.60 -15.94 -14.00
CG MSE B 83 -18.37 -15.72 -14.78
SE MSE B 83 -18.24 -13.85 -15.50
CE MSE B 83 -19.64 -13.98 -16.87
N GLU B 84 -20.73 -17.48 -11.15
CA GLU B 84 -21.85 -17.67 -10.23
C GLU B 84 -22.75 -18.80 -10.76
N ASN B 85 -24.04 -18.56 -10.96
CA ASN B 85 -24.95 -19.60 -11.46
C ASN B 85 -25.13 -19.60 -12.99
N ASP B 86 -24.17 -19.06 -13.75
CA ASP B 86 -24.42 -18.86 -15.18
C ASP B 86 -23.28 -19.45 -15.96
N GLN B 87 -23.57 -19.91 -17.17
CA GLN B 87 -22.55 -20.39 -18.06
C GLN B 87 -22.64 -19.65 -19.36
N TYR B 88 -21.49 -19.31 -19.93
CA TYR B 88 -21.42 -18.60 -21.18
C TYR B 88 -20.35 -19.22 -22.04
N PRO B 89 -20.60 -19.30 -23.33
CA PRO B 89 -19.58 -19.72 -24.24
C PRO B 89 -18.62 -18.57 -24.46
N ILE B 90 -17.34 -18.91 -24.61
CA ILE B 90 -16.33 -17.93 -24.95
C ILE B 90 -15.54 -18.42 -26.15
N ALA B 91 -14.97 -17.47 -26.88
CA ALA B 91 -14.33 -17.73 -28.14
C ALA B 91 -13.30 -16.64 -28.39
N PRO B 92 -12.48 -16.82 -29.43
CA PRO B 92 -11.36 -15.88 -29.70
C PRO B 92 -11.76 -14.39 -29.80
N GLY B 93 -11.00 -13.58 -29.09
CA GLY B 93 -11.26 -12.14 -29.00
C GLY B 93 -12.15 -11.73 -27.86
N ASP B 94 -12.73 -12.68 -27.15
CA ASP B 94 -13.54 -12.36 -25.96
C ASP B 94 -12.65 -11.97 -24.77
N PHE B 95 -13.19 -11.15 -23.89
CA PHE B 95 -12.51 -10.69 -22.74
C PHE B 95 -13.43 -10.79 -21.55
N VAL B 96 -12.89 -11.28 -20.44
CA VAL B 96 -13.63 -11.29 -19.20
C VAL B 96 -12.72 -10.75 -18.10
N GLY B 97 -13.30 -9.85 -17.28
CA GLY B 97 -12.57 -9.25 -16.18
C GLY B 97 -13.31 -9.44 -14.88
N PHE B 98 -12.54 -9.62 -13.81
CA PHE B 98 -13.10 -9.84 -12.47
C PHE B 98 -12.65 -8.80 -11.48
N PRO B 99 -13.47 -7.76 -11.28
CA PRO B 99 -13.26 -6.87 -10.16
C PRO B 99 -13.32 -7.70 -8.87
N CYS B 100 -12.66 -7.23 -7.83
N CYS B 100 -12.70 -7.18 -7.81
CA CYS B 100 -12.70 -7.93 -6.53
CA CYS B 100 -12.68 -7.86 -6.50
C CYS B 100 -14.11 -8.18 -6.06
C CYS B 100 -14.10 -8.15 -6.00
N HIS B 101 -14.33 -9.36 -5.47
CA HIS B 101 -15.65 -9.79 -4.96
C HIS B 101 -16.81 -9.82 -5.94
N ALA B 102 -16.56 -9.75 -7.21
CA ALA B 102 -17.63 -9.59 -8.18
C ALA B 102 -18.31 -10.90 -8.52
N ALA B 103 -17.53 -11.94 -8.82
CA ALA B 103 -18.13 -13.20 -9.25
C ALA B 103 -17.11 -14.35 -9.18
N ALA B 104 -17.49 -15.46 -8.56
CA ALA B 104 -16.69 -16.69 -8.64
C ALA B 104 -16.73 -17.22 -10.07
N HIS B 105 -15.64 -17.78 -10.55
CA HIS B 105 -15.59 -18.32 -11.89
C HIS B 105 -14.62 -19.44 -12.07
N SER B 106 -14.86 -20.17 -13.15
CA SER B 106 -13.91 -21.08 -13.73
C SER B 106 -14.20 -21.16 -15.25
N ILE B 107 -13.22 -21.65 -16.00
CA ILE B 107 -13.37 -21.90 -17.43
C ILE B 107 -13.05 -23.37 -17.73
N SER B 108 -13.91 -23.98 -18.54
N SER B 108 -13.88 -23.97 -18.59
CA SER B 108 -13.73 -25.34 -19.04
CA SER B 108 -13.72 -25.33 -19.02
C SER B 108 -13.48 -25.29 -20.55
C SER B 108 -13.60 -25.42 -20.54
N ASN B 109 -12.65 -26.21 -21.02
CA ASN B 109 -12.51 -26.41 -22.45
C ASN B 109 -13.30 -27.66 -22.81
N ASP B 110 -14.52 -27.49 -23.28
CA ASP B 110 -15.34 -28.61 -23.69
C ASP B 110 -15.43 -28.67 -25.23
N GLY B 111 -14.50 -28.00 -25.92
CA GLY B 111 -14.42 -28.02 -27.37
C GLY B 111 -13.47 -29.10 -27.85
N THR B 112 -13.04 -28.99 -29.10
CA THR B 112 -12.17 -29.98 -29.72
C THR B 112 -10.75 -29.49 -30.05
N GLU B 113 -10.47 -28.22 -29.87
N GLU B 113 -10.49 -28.21 -29.85
CA GLU B 113 -9.11 -27.71 -30.08
CA GLU B 113 -9.19 -27.62 -30.10
C GLU B 113 -8.62 -27.12 -28.77
C GLU B 113 -8.62 -27.12 -28.76
N THR B 114 -7.32 -26.89 -28.67
CA THR B 114 -6.75 -26.30 -27.47
C THR B 114 -7.34 -24.92 -27.24
N LEU B 115 -7.62 -24.61 -25.98
CA LEU B 115 -8.08 -23.26 -25.62
C LEU B 115 -6.86 -22.49 -25.20
N VAL B 116 -6.57 -21.36 -25.88
CA VAL B 116 -5.37 -20.59 -25.61
C VAL B 116 -5.76 -19.15 -25.21
N CYS B 117 -5.33 -18.74 -24.02
CA CYS B 117 -5.68 -17.46 -23.45
C CYS B 117 -4.51 -16.76 -22.81
N LEU B 118 -4.66 -15.45 -22.72
CA LEU B 118 -3.83 -14.64 -21.87
C LEU B 118 -4.59 -14.46 -20.56
N VAL B 119 -3.93 -14.78 -19.45
CA VAL B 119 -4.45 -14.54 -18.14
C VAL B 119 -3.62 -13.41 -17.49
N ILE B 120 -4.31 -12.37 -17.02
CA ILE B 120 -3.72 -11.15 -16.48
C ILE B 120 -4.23 -10.96 -15.09
N GLY B 121 -3.33 -10.84 -14.11
CA GLY B 121 -3.76 -10.67 -12.74
C GLY B 121 -2.83 -9.84 -11.89
N GLN B 122 -3.38 -9.27 -10.83
CA GLN B 122 -2.55 -8.51 -9.90
C GLN B 122 -1.80 -9.49 -9.08
N ARG B 123 -0.64 -9.07 -8.59
CA ARG B 123 0.11 -9.83 -7.59
C ARG B 123 0.24 -8.98 -6.34
N LEU B 124 -0.54 -9.30 -5.31
CA LEU B 124 -0.52 -8.53 -4.06
C LEU B 124 0.01 -9.39 -2.93
N ASP B 125 0.63 -8.74 -1.97
CA ASP B 125 1.16 -9.41 -0.80
C ASP B 125 0.06 -10.06 0.07
N GLN B 126 -1.12 -9.49 0.08
CA GLN B 126 -2.27 -10.04 0.80
C GLN B 126 -3.50 -10.23 -0.11
N ASP B 127 -4.16 -11.37 0.07
CA ASP B 127 -5.41 -11.64 -0.64
C ASP B 127 -6.19 -12.66 0.16
N VAL B 128 -7.45 -12.80 -0.18
CA VAL B 128 -8.32 -13.79 0.38
C VAL B 128 -9.01 -14.40 -0.84
N VAL B 129 -9.01 -15.72 -0.93
CA VAL B 129 -9.63 -16.37 -2.06
C VAL B 129 -10.60 -17.42 -1.59
N ASP B 130 -11.81 -17.41 -2.12
CA ASP B 130 -12.82 -18.39 -1.76
C ASP B 130 -12.89 -19.46 -2.82
N TYR B 131 -12.96 -20.71 -2.37
CA TYR B 131 -13.21 -21.85 -3.24
C TYR B 131 -14.57 -22.45 -2.86
N PRO B 132 -15.65 -21.85 -3.36
CA PRO B 132 -16.96 -22.26 -2.82
C PRO B 132 -17.30 -23.75 -2.98
N ASN B 133 -16.83 -24.40 -4.05
CA ASN B 133 -17.18 -25.81 -4.30
C ASN B 133 -16.41 -26.74 -3.38
N GLN B 134 -15.33 -26.26 -2.79
CA GLN B 134 -14.61 -27.01 -1.81
C GLN B 134 -14.94 -26.56 -0.36
N HIS B 135 -15.78 -25.56 -0.17
CA HIS B 135 -16.13 -25.06 1.17
C HIS B 135 -14.88 -24.57 1.90
N LYS B 136 -13.99 -23.89 1.18
CA LYS B 136 -12.74 -23.39 1.76
C LYS B 136 -12.46 -21.93 1.44
N ARG B 137 -11.82 -21.27 2.39
CA ARG B 137 -11.35 -19.90 2.23
C ARG B 137 -9.86 -19.94 2.45
N LEU B 138 -9.13 -19.31 1.54
CA LEU B 138 -7.68 -19.16 1.68
C LEU B 138 -7.32 -17.71 2.05
N TYR B 139 -6.56 -17.53 3.12
CA TYR B 139 -6.07 -16.25 3.51
C TYR B 139 -4.59 -16.30 3.19
N ARG B 140 -4.12 -15.43 2.28
CA ARG B 140 -2.72 -15.40 1.92
C ARG B 140 -2.15 -14.06 2.36
N ASN B 141 -1.13 -14.14 3.19
CA ASN B 141 -0.55 -12.99 3.88
C ASN B 141 0.95 -13.06 3.83
N ASN B 142 1.51 -12.38 2.83
CA ASN B 142 2.95 -12.42 2.62
C ASN B 142 3.59 -13.79 2.83
N GLY B 143 3.22 -14.82 2.14
CA GLY B 143 4.04 -16.02 2.49
C GLY B 143 3.48 -16.93 3.58
N GLU B 144 2.54 -16.42 4.38
N GLU B 144 2.56 -16.44 4.41
CA GLU B 144 1.76 -17.26 5.27
CA GLU B 144 1.82 -17.33 5.27
C GLU B 144 0.49 -17.62 4.49
C GLU B 144 0.49 -17.65 4.57
N TRP B 145 0.32 -18.90 4.14
CA TRP B 145 -0.90 -19.33 3.45
C TRP B 145 -1.72 -20.13 4.46
N ASN B 146 -2.95 -19.70 4.68
CA ASN B 146 -3.82 -20.30 5.69
C ASN B 146 -5.15 -20.74 5.04
N LEU B 147 -5.42 -22.05 4.99
CA LEU B 147 -6.63 -22.58 4.36
C LEU B 147 -7.57 -23.05 5.48
N VAL B 148 -8.81 -22.59 5.42
CA VAL B 148 -9.79 -22.79 6.48
C VAL B 148 -11.11 -23.25 5.92
N ASP B 149 -11.67 -24.29 6.52
CA ASP B 149 -13.01 -24.73 6.11
C ASP B 149 -13.99 -23.63 6.42
N MSE B 150 -14.96 -23.41 5.56
CA MSE B 150 -15.82 -22.24 5.74
C MSE B 150 -16.67 -22.31 7.02
O MSE B 150 -16.98 -21.28 7.61
CB MSE B 150 -16.67 -22.03 4.49
CG MSE B 150 -15.89 -21.33 3.32
SE MSE B 150 -17.10 -21.31 1.78
CE MSE B 150 -15.96 -20.28 0.59
N ALA B 151 -17.01 -23.51 7.47
CA ALA B 151 -17.78 -23.66 8.69
C ALA B 151 -16.99 -23.32 9.95
N ASP B 152 -15.65 -23.24 9.83
CA ASP B 152 -14.77 -22.94 10.96
C ASP B 152 -14.44 -21.46 11.08
N ILE B 153 -15.16 -20.63 10.32
CA ILE B 153 -14.90 -19.21 10.33
C ILE B 153 -16.03 -18.51 11.07
N ARG B 154 -15.68 -17.83 12.16
N ARG B 154 -15.69 -17.84 12.18
CA ARG B 154 -16.67 -17.05 12.90
CA ARG B 154 -16.69 -17.05 12.86
C ARG B 154 -16.65 -15.65 12.34
C ARG B 154 -16.64 -15.65 12.31
N VAL B 155 -17.74 -15.23 11.68
CA VAL B 155 -17.81 -13.93 11.05
C VAL B 155 -18.39 -12.97 12.08
N LEU B 156 -17.54 -12.11 12.63
CA LEU B 156 -17.94 -11.25 13.74
C LEU B 156 -18.52 -9.96 13.22
N ARG B 157 -17.97 -9.50 12.11
N ARG B 157 -17.97 -9.47 12.11
CA ARG B 157 -18.42 -8.30 11.44
CA ARG B 157 -18.46 -8.27 11.49
C ARG B 157 -18.34 -8.48 9.94
C ARG B 157 -18.31 -8.41 9.97
N GLU B 158 -19.17 -7.72 9.22
CA GLU B 158 -19.06 -7.62 7.75
C GLU B 158 -19.39 -6.17 7.42
N PRO B 159 -18.77 -5.61 6.35
CA PRO B 159 -18.98 -4.18 5.99
C PRO B 159 -20.42 -3.82 5.54
N MSE C 2 -25.67 -9.93 -8.40
CA MSE C 2 -25.24 -9.06 -9.56
C MSE C 2 -25.40 -9.74 -10.95
O MSE C 2 -25.52 -10.98 -11.05
CB MSE C 2 -23.79 -8.59 -9.40
CG MSE C 2 -22.70 -9.62 -9.80
SE MSE C 2 -21.11 -8.72 -10.61
CE MSE C 2 -20.95 -7.18 -9.33
N ASP C 3 -25.39 -8.93 -11.99
CA ASP C 3 -25.49 -9.45 -13.34
C ASP C 3 -24.10 -9.74 -13.88
N THR C 4 -23.77 -11.03 -13.97
CA THR C 4 -22.43 -11.47 -14.35
C THR C 4 -22.10 -11.23 -15.84
N ARG C 5 -23.12 -11.07 -16.67
CA ARG C 5 -22.91 -10.90 -18.11
C ARG C 5 -22.09 -9.63 -18.40
N LYS C 6 -22.23 -8.65 -17.51
CA LYS C 6 -21.49 -7.40 -17.58
C LYS C 6 -19.96 -7.57 -17.48
N LEU C 7 -19.49 -8.73 -17.04
CA LEU C 7 -18.03 -8.95 -16.88
C LEU C 7 -17.39 -9.53 -18.12
N LEU C 8 -18.24 -10.01 -19.04
CA LEU C 8 -17.84 -10.55 -20.30
C LEU C 8 -18.11 -9.55 -21.44
N LEU C 9 -17.05 -9.28 -22.19
CA LEU C 9 -17.16 -8.55 -23.45
C LEU C 9 -16.85 -9.51 -24.58
N THR C 10 -17.83 -9.80 -25.44
CA THR C 10 -17.55 -10.65 -26.60
C THR C 10 -16.66 -9.90 -27.62
N ALA C 11 -16.02 -10.66 -28.51
CA ALA C 11 -15.21 -10.07 -29.55
C ALA C 11 -16.06 -9.07 -30.34
N GLN C 12 -17.31 -9.42 -30.59
CA GLN C 12 -18.21 -8.52 -31.32
C GLN C 12 -18.46 -7.21 -30.54
N GLU C 13 -18.70 -7.33 -29.24
CA GLU C 13 -18.93 -6.14 -28.42
C GLU C 13 -17.71 -5.22 -28.49
N ILE C 14 -16.52 -5.82 -28.47
CA ILE C 14 -15.27 -5.06 -28.50
C ILE C 14 -15.13 -4.37 -29.84
N SER C 15 -15.38 -5.11 -30.94
N SER C 15 -15.53 -5.06 -30.92
CA SER C 15 -15.35 -4.55 -32.29
CA SER C 15 -15.52 -4.45 -32.24
C SER C 15 -16.19 -3.29 -32.37
C SER C 15 -16.56 -3.33 -32.35
N ARG C 16 -17.39 -3.38 -31.80
N ARG C 16 -17.66 -3.39 -31.62
CA ARG C 16 -18.40 -2.30 -31.80
CA ARG C 16 -18.63 -2.31 -31.73
C ARG C 16 -18.11 -1.11 -30.90
C ARG C 16 -18.36 -1.17 -30.74
N MSE C 17 -17.39 -1.36 -29.81
CA MSE C 17 -17.06 -0.29 -28.86
C MSE C 17 -16.55 0.94 -29.56
O MSE C 17 -15.77 0.85 -30.52
CB MSE C 17 -15.97 -0.74 -27.88
CG MSE C 17 -16.48 -1.56 -26.82
SE MSE C 17 -14.97 -2.10 -25.70
CE MSE C 17 -14.61 -0.37 -24.87
N LYS C 18 -16.95 2.08 -29.04
CA LYS C 18 -16.43 3.31 -29.56
C LYS C 18 -14.98 3.42 -29.09
N GLY C 19 -14.10 3.84 -29.98
N GLY C 19 -14.09 3.88 -29.96
CA GLY C 19 -12.74 4.11 -29.57
CA GLY C 19 -12.70 4.05 -29.56
C GLY C 19 -12.72 5.48 -28.92
C GLY C 19 -12.45 5.48 -29.13
N GLU C 20 -11.82 5.67 -27.97
CA GLU C 20 -11.46 7.01 -27.51
C GLU C 20 -10.24 7.44 -28.30
N HIS C 21 -10.29 8.61 -28.92
CA HIS C 21 -9.15 9.18 -29.61
C HIS C 21 -8.25 9.72 -28.52
N LYS C 22 -7.00 9.26 -28.45
CA LYS C 22 -6.07 9.75 -27.42
C LYS C 22 -4.79 10.27 -28.06
N VAL C 23 -4.29 11.39 -27.57
CA VAL C 23 -3.05 11.99 -28.04
C VAL C 23 -2.19 12.15 -26.81
N HIS C 24 -0.96 11.64 -26.80
CA HIS C 24 -0.10 11.84 -25.62
C HIS C 24 0.20 13.33 -25.38
N PHE C 25 0.14 13.76 -24.11
CA PHE C 25 0.29 15.17 -23.74
C PHE C 25 1.64 15.76 -24.11
N LEU C 26 2.67 14.93 -24.28
CA LEU C 26 3.98 15.40 -24.69
C LEU C 26 4.38 15.07 -26.12
N ASN C 27 3.56 14.32 -26.86
CA ASN C 27 3.93 13.89 -28.20
C ASN C 27 2.68 13.85 -29.09
N PRO C 28 2.51 14.89 -29.91
CA PRO C 28 1.37 14.99 -30.82
C PRO C 28 1.33 13.90 -31.87
N GLY C 29 2.46 13.23 -32.07
CA GLY C 29 2.59 12.11 -33.00
C GLY C 29 2.13 10.80 -32.38
N ALA C 30 1.90 10.80 -31.05
CA ALA C 30 1.48 9.61 -30.34
C ALA C 30 -0.06 9.63 -30.26
N VAL C 31 -0.67 9.19 -31.36
CA VAL C 31 -2.10 9.18 -31.51
C VAL C 31 -2.58 7.75 -31.62
N ARG C 32 -3.61 7.40 -30.87
CA ARG C 32 -4.18 6.09 -30.94
C ARG C 32 -5.68 6.09 -30.70
N VAL C 33 -6.31 4.99 -31.04
CA VAL C 33 -7.70 4.78 -30.69
C VAL C 33 -7.61 3.75 -29.56
N ASN C 34 -8.21 4.09 -28.43
CA ASN C 34 -8.12 3.31 -27.21
C ASN C 34 -9.44 2.72 -26.77
N LYS C 35 -9.48 1.41 -26.52
CA LYS C 35 -10.69 0.76 -26.00
C LYS C 35 -10.32 0.20 -24.65
N SER C 36 -10.89 0.77 -23.59
CA SER C 36 -10.54 0.34 -22.24
C SER C 36 -11.38 -0.86 -21.86
N LEU C 37 -10.79 -2.04 -22.01
CA LEU C 37 -11.50 -3.27 -21.69
C LEU C 37 -11.71 -3.36 -20.17
N GLY C 38 -10.68 -3.02 -19.43
CA GLY C 38 -10.80 -3.01 -17.98
C GLY C 38 -11.89 -2.13 -17.44
N ASP C 39 -11.97 -0.89 -17.94
CA ASP C 39 -12.98 0.05 -17.47
C ASP C 39 -14.36 -0.40 -17.86
N ALA C 40 -14.49 -1.01 -19.03
CA ALA C 40 -15.77 -1.48 -19.52
C ALA C 40 -16.36 -2.51 -18.56
N VAL C 41 -15.51 -3.28 -17.88
CA VAL C 41 -16.03 -4.32 -16.99
C VAL C 41 -15.86 -4.00 -15.49
N GLY C 42 -15.26 -2.87 -15.16
CA GLY C 42 -15.16 -2.43 -13.74
C GLY C 42 -13.86 -2.65 -13.02
N LEU C 43 -12.82 -3.05 -13.74
CA LEU C 43 -11.52 -3.22 -13.12
C LEU C 43 -11.02 -1.85 -12.71
N ARG C 44 -10.42 -1.77 -11.52
CA ARG C 44 -9.98 -0.49 -10.96
C ARG C 44 -8.48 -0.43 -10.72
N HIS C 45 -7.76 -1.56 -10.59
N HIS C 45 -7.85 -1.61 -10.60
CA HIS C 45 -6.32 -1.50 -10.24
CA HIS C 45 -6.45 -1.75 -10.23
C HIS C 45 -5.40 -1.99 -11.34
C HIS C 45 -5.54 -1.92 -11.45
N MSE C 46 -6.00 -2.31 -12.49
N MSE C 46 -6.07 -2.44 -12.57
CA MSE C 46 -5.36 -2.83 -13.70
CA MSE C 46 -5.24 -2.68 -13.72
C MSE C 46 -5.89 -2.07 -14.94
C MSE C 46 -5.88 -1.94 -14.86
O MSE C 46 -7.10 -2.11 -15.17
O MSE C 46 -7.09 -1.81 -14.93
CB MSE C 46 -5.75 -4.28 -13.95
CB MSE C 46 -5.23 -4.16 -14.04
CG MSE C 46 -5.31 -5.36 -12.98
CG MSE C 46 -4.97 -5.08 -12.89
SE MSE C 46 -3.69 -6.30 -13.53
SE MSE C 46 -5.00 -6.98 -13.45
CE MSE C 46 -2.47 -4.97 -12.79
CE MSE C 46 -6.63 -7.06 -14.45
N GLY C 47 -5.03 -1.46 -15.76
CA GLY C 47 -5.49 -0.95 -17.05
C GLY C 47 -5.30 -2.04 -18.09
N ILE C 48 -6.33 -2.38 -18.87
CA ILE C 48 -6.19 -3.32 -19.96
C ILE C 48 -6.87 -2.65 -21.15
N HIS C 49 -6.07 -2.25 -22.12
CA HIS C 49 -6.57 -1.48 -23.27
C HIS C 49 -6.23 -2.14 -24.56
N LEU C 50 -7.20 -2.15 -25.47
CA LEU C 50 -6.99 -2.61 -26.81
C LEU C 50 -6.76 -1.34 -27.62
N ILE C 51 -5.56 -1.20 -28.18
CA ILE C 51 -5.23 0.04 -28.91
C ILE C 51 -4.95 -0.18 -30.39
N GLN C 52 -5.24 0.87 -31.16
CA GLN C 52 -5.02 0.91 -32.61
C GLN C 52 -4.14 2.11 -32.90
N ILE C 53 -2.99 1.84 -33.52
CA ILE C 53 -2.03 2.87 -33.91
C ILE C 53 -1.84 2.84 -35.42
N GLU C 54 -2.15 3.95 -36.09
CA GLU C 54 -2.11 3.98 -37.53
C GLU C 54 -0.71 4.19 -38.05
N PRO C 55 -0.48 3.83 -39.31
CA PRO C 55 0.84 4.04 -39.88
C PRO C 55 1.26 5.49 -39.72
N GLY C 56 2.50 5.69 -39.26
CA GLY C 56 3.06 7.02 -39.12
C GLY C 56 2.90 7.59 -37.70
N LYS C 57 2.22 6.86 -36.82
CA LYS C 57 1.96 7.33 -35.46
C LYS C 57 2.69 6.48 -34.44
N GLU C 58 2.71 6.97 -33.20
CA GLU C 58 3.38 6.31 -32.09
C GLU C 58 2.46 5.95 -30.93
N SER C 59 2.94 5.05 -30.08
CA SER C 59 2.17 4.60 -28.90
C SER C 59 2.25 5.53 -27.71
N THR C 60 3.25 6.41 -27.68
CA THR C 60 3.55 7.16 -26.48
C THR C 60 4.68 8.12 -26.74
N GLU C 61 5.03 8.91 -25.72
CA GLU C 61 6.29 9.64 -25.69
C GLU C 61 7.26 8.75 -24.96
N TYR C 62 8.44 8.53 -25.55
CA TYR C 62 9.53 7.74 -24.97
C TYR C 62 9.60 8.00 -23.48
N HIS C 63 9.42 6.94 -22.69
CA HIS C 63 9.27 7.12 -21.26
C HIS C 63 9.67 5.92 -20.44
N LEU C 64 9.86 6.21 -19.16
N LEU C 64 9.83 6.17 -19.15
CA LEU C 64 10.26 5.25 -18.15
CA LEU C 64 10.23 5.14 -18.22
C LEU C 64 9.42 5.45 -16.89
C LEU C 64 9.52 5.39 -16.87
N HIS C 65 8.77 4.39 -16.41
CA HIS C 65 8.03 4.44 -15.14
C HIS C 65 8.88 4.02 -13.96
N HIS C 66 8.69 4.71 -12.85
CA HIS C 66 9.34 4.38 -11.61
C HIS C 66 8.50 3.43 -10.70
N TYR C 67 7.17 3.51 -10.75
CA TYR C 67 6.31 2.68 -9.88
C TYR C 67 5.31 1.78 -10.61
N GLU C 68 4.75 2.21 -11.73
CA GLU C 68 3.80 1.36 -12.44
C GLU C 68 4.50 0.47 -13.47
N GLU C 69 4.27 -0.84 -13.37
CA GLU C 69 4.65 -1.77 -14.43
C GLU C 69 3.71 -1.61 -15.62
N GLU C 70 4.22 -1.97 -16.82
CA GLU C 70 3.49 -1.84 -18.04
C GLU C 70 3.93 -3.00 -18.92
N ALA C 71 3.09 -3.41 -19.89
CA ALA C 71 3.42 -4.47 -20.84
C ALA C 71 2.59 -4.29 -22.07
N VAL C 72 3.08 -4.83 -23.19
CA VAL C 72 2.41 -4.73 -24.47
C VAL C 72 2.36 -6.11 -25.13
N TYR C 73 1.19 -6.51 -25.67
CA TYR C 73 1.12 -7.76 -26.42
C TYR C 73 0.52 -7.47 -27.79
N VAL C 74 1.27 -7.85 -28.82
CA VAL C 74 0.88 -7.45 -30.20
C VAL C 74 -0.12 -8.43 -30.80
N LEU C 75 -1.27 -7.90 -31.22
CA LEU C 75 -2.33 -8.71 -31.84
C LEU C 75 -2.29 -8.74 -33.37
N SER C 76 -2.07 -7.61 -34.03
CA SER C 76 -1.91 -7.58 -35.48
C SER C 76 -1.14 -6.37 -35.90
N GLY C 77 -0.64 -6.42 -37.12
CA GLY C 77 0.18 -5.35 -37.66
C GLY C 77 1.60 -5.52 -37.17
N LYS C 78 2.44 -4.55 -37.52
CA LYS C 78 3.86 -4.55 -37.18
C LYS C 78 4.26 -3.16 -36.69
N GLY C 79 5.29 -3.09 -35.88
CA GLY C 79 5.75 -1.81 -35.36
C GLY C 79 7.25 -1.92 -35.14
N THR C 80 7.82 -0.83 -34.64
CA THR C 80 9.20 -0.72 -34.29
C THR C 80 9.24 -0.28 -32.84
N LEU C 81 9.80 -1.13 -32.00
CA LEU C 81 9.99 -0.82 -30.59
C LEU C 81 11.35 -0.14 -30.42
N THR C 82 11.35 1.04 -29.84
CA THR C 82 12.58 1.70 -29.43
C THR C 82 12.67 1.51 -27.93
N MSE C 83 13.77 0.92 -27.48
CA MSE C 83 13.98 0.65 -26.08
C MSE C 83 15.44 0.88 -25.75
O MSE C 83 16.30 0.25 -26.33
CB MSE C 83 13.53 -0.79 -25.83
CG MSE C 83 13.62 -1.29 -24.45
SE MSE C 83 12.66 -3.05 -24.36
CE MSE C 83 13.67 -4.07 -25.60
N GLU C 84 15.70 1.80 -24.82
CA GLU C 84 17.07 2.20 -24.45
C GLU C 84 17.90 2.46 -25.70
N ASN C 85 17.33 3.24 -26.63
CA ASN C 85 18.00 3.69 -27.84
C ASN C 85 18.31 2.63 -28.90
N ASP C 86 17.79 1.44 -28.74
CA ASP C 86 17.89 0.43 -29.77
C ASP C 86 16.51 0.18 -30.36
N GLN C 87 16.48 -0.16 -31.65
CA GLN C 87 15.26 -0.43 -32.35
C GLN C 87 15.11 -1.92 -32.64
N TYR C 88 13.89 -2.40 -32.42
CA TYR C 88 13.54 -3.80 -32.63
C TYR C 88 12.22 -3.91 -33.41
N PRO C 89 12.15 -4.81 -34.38
CA PRO C 89 10.89 -5.01 -35.06
C PRO C 89 9.94 -5.75 -34.13
N ILE C 90 8.65 -5.37 -34.09
CA ILE C 90 7.66 -6.15 -33.29
C ILE C 90 6.51 -6.53 -34.23
N ALA C 91 5.87 -7.66 -33.93
CA ALA C 91 4.91 -8.28 -34.81
C ALA C 91 3.96 -9.14 -34.00
N PRO C 92 2.94 -9.74 -34.66
CA PRO C 92 1.91 -10.31 -33.81
C PRO C 92 2.38 -11.49 -32.97
N GLY C 93 1.95 -11.52 -31.74
CA GLY C 93 2.40 -12.54 -30.82
C GLY C 93 3.60 -12.13 -29.98
N ASP C 94 4.23 -11.01 -30.30
CA ASP C 94 5.33 -10.47 -29.48
C ASP C 94 4.80 -9.84 -28.19
N PHE C 95 5.57 -10.01 -27.12
CA PHE C 95 5.30 -9.46 -25.80
C PHE C 95 6.49 -8.66 -25.35
N VAL C 96 6.24 -7.51 -24.77
CA VAL C 96 7.30 -6.71 -24.14
C VAL C 96 6.80 -6.22 -22.82
N GLY C 97 7.63 -6.39 -21.79
CA GLY C 97 7.23 -6.00 -20.48
C GLY C 97 8.23 -5.08 -19.85
N PHE C 98 7.74 -4.21 -18.98
CA PHE C 98 8.59 -3.23 -18.33
C PHE C 98 8.49 -3.21 -16.81
N PRO C 99 9.37 -3.97 -16.14
CA PRO C 99 9.51 -3.76 -14.72
C PRO C 99 9.90 -2.27 -14.47
N CYS C 100 9.61 -1.73 -13.29
CA CYS C 100 9.97 -0.38 -12.94
C CYS C 100 11.44 -0.12 -13.12
N HIS C 101 11.76 1.06 -13.64
CA HIS C 101 13.11 1.49 -13.90
C HIS C 101 13.92 0.61 -14.85
N ALA C 102 13.33 -0.24 -15.65
CA ALA C 102 14.13 -1.14 -16.44
C ALA C 102 14.59 -0.49 -17.75
N ALA C 103 13.68 0.17 -18.44
CA ALA C 103 13.99 0.66 -19.78
C ALA C 103 12.96 1.64 -20.27
N ALA C 104 13.46 2.73 -20.82
CA ALA C 104 12.65 3.71 -21.52
C ALA C 104 12.27 3.11 -22.87
N HIS C 105 11.04 3.34 -23.30
CA HIS C 105 10.64 2.83 -24.60
C HIS C 105 9.56 3.68 -25.24
N SER C 106 9.39 3.44 -26.55
CA SER C 106 8.23 3.90 -27.29
C SER C 106 8.05 2.95 -28.48
N ILE C 107 6.82 2.88 -29.01
CA ILE C 107 6.51 2.09 -30.17
C ILE C 107 5.99 2.97 -31.31
N SER C 108 6.50 2.71 -32.49
CA SER C 108 6.14 3.40 -33.66
C SER C 108 5.58 2.42 -34.70
N ASN C 109 4.55 2.85 -35.43
CA ASN C 109 4.00 2.06 -36.51
C ASN C 109 4.55 2.62 -37.81
N ASP C 110 5.60 2.00 -38.32
CA ASP C 110 6.16 2.36 -39.62
C ASP C 110 5.81 1.33 -40.70
N GLY C 111 4.73 0.59 -40.46
CA GLY C 111 4.25 -0.39 -41.43
C GLY C 111 3.16 0.23 -42.27
N THR C 112 2.36 -0.62 -42.91
CA THR C 112 1.30 -0.15 -43.78
C THR C 112 -0.11 -0.52 -43.28
N GLU C 113 -0.17 -1.42 -42.31
N GLU C 113 -0.17 -1.39 -42.28
CA GLU C 113 -1.42 -1.85 -41.70
CA GLU C 113 -1.42 -1.86 -41.68
C GLU C 113 -1.54 -1.17 -40.32
C GLU C 113 -1.52 -1.25 -40.28
N THR C 114 -2.75 -1.12 -39.79
CA THR C 114 -2.96 -0.65 -38.44
C THR C 114 -2.21 -1.55 -37.46
N LEU C 115 -1.58 -0.97 -36.44
CA LEU C 115 -0.93 -1.77 -35.39
C LEU C 115 -1.91 -1.91 -34.22
N VAL C 116 -2.26 -3.14 -33.84
CA VAL C 116 -3.27 -3.42 -32.81
C VAL C 116 -2.60 -4.20 -31.71
N CYS C 117 -2.69 -3.69 -30.48
CA CYS C 117 -2.03 -4.25 -29.31
C CYS C 117 -2.91 -4.23 -28.07
N LEU C 118 -2.66 -5.14 -27.15
CA LEU C 118 -3.15 -5.02 -25.81
C LEU C 118 -2.06 -4.34 -24.99
N VAL C 119 -2.44 -3.29 -24.24
CA VAL C 119 -1.54 -2.61 -23.35
C VAL C 119 -2.08 -2.87 -21.95
N ILE C 120 -1.20 -3.39 -21.07
CA ILE C 120 -1.55 -3.89 -19.77
C ILE C 120 -0.72 -3.15 -18.76
N GLY C 121 -1.38 -2.57 -17.77
CA GLY C 121 -0.66 -1.74 -16.83
C GLY C 121 -1.28 -1.72 -15.43
N GLN C 122 -0.43 -1.40 -14.48
CA GLN C 122 -0.84 -1.14 -13.12
C GLN C 122 -1.48 0.18 -13.08
N ARG C 123 -2.46 0.38 -12.21
CA ARG C 123 -3.00 1.71 -12.00
C ARG C 123 -2.73 2.13 -10.60
N LEU C 124 -1.78 3.03 -10.38
CA LEU C 124 -1.42 3.42 -9.03
C LEU C 124 -1.78 4.89 -8.86
N ASP C 125 -2.06 5.25 -7.61
CA ASP C 125 -2.32 6.68 -7.24
C ASP C 125 -1.10 7.58 -7.35
N GLN C 126 0.08 7.02 -7.09
N GLN C 126 0.08 6.99 -7.21
CA GLN C 126 1.36 7.73 -7.23
CA GLN C 126 1.34 7.70 -7.27
C GLN C 126 2.29 7.05 -8.23
C GLN C 126 2.33 7.03 -8.22
N ASP C 127 2.92 7.85 -9.09
CA ASP C 127 3.94 7.37 -10.00
C ASP C 127 4.86 8.54 -10.31
N VAL C 128 6.04 8.19 -10.80
CA VAL C 128 7.02 9.13 -11.31
C VAL C 128 7.37 8.62 -12.70
N VAL C 129 7.38 9.50 -13.68
CA VAL C 129 7.63 9.08 -15.06
C VAL C 129 8.64 9.98 -15.70
N ASP C 130 9.67 9.37 -16.26
CA ASP C 130 10.68 10.14 -16.97
C ASP C 130 10.46 10.11 -18.47
N TYR C 131 10.69 11.26 -19.11
CA TYR C 131 10.62 11.42 -20.57
C TYR C 131 12.00 11.88 -21.02
N PRO C 132 12.92 10.95 -21.22
CA PRO C 132 14.33 11.32 -21.50
C PRO C 132 14.55 12.25 -22.71
N ASN C 133 13.75 12.13 -23.77
CA ASN C 133 13.94 12.96 -24.96
C ASN C 133 13.49 14.41 -24.70
N GLN C 134 12.66 14.63 -23.69
N GLN C 134 12.57 14.56 -23.75
CA GLN C 134 12.28 16.01 -23.33
CA GLN C 134 12.02 15.85 -23.39
C GLN C 134 12.96 16.48 -22.05
C GLN C 134 12.78 16.44 -22.22
N HIS C 135 13.80 15.63 -21.45
N HIS C 135 13.60 15.60 -21.56
CA HIS C 135 14.51 16.02 -20.22
CA HIS C 135 14.37 16.06 -20.39
C HIS C 135 13.49 16.51 -19.18
C HIS C 135 13.46 16.55 -19.27
N LYS C 136 12.37 15.81 -19.06
CA LYS C 136 11.37 16.14 -18.07
C LYS C 136 10.98 14.97 -17.23
N ARG C 137 10.59 15.28 -16.00
CA ARG C 137 10.07 14.29 -15.07
C ARG C 137 8.66 14.70 -14.65
N LEU C 138 7.74 13.73 -14.67
CA LEU C 138 6.39 13.90 -14.19
C LEU C 138 6.21 13.23 -12.84
N TYR C 139 5.76 14.01 -11.88
CA TYR C 139 5.35 13.48 -10.60
C TYR C 139 3.84 13.50 -10.60
N ARG C 140 3.21 12.33 -10.55
CA ARG C 140 1.78 12.22 -10.51
C ARG C 140 1.38 11.70 -9.15
N ASN C 141 0.61 12.50 -8.44
CA ASN C 141 0.21 12.18 -7.08
C ASN C 141 -1.28 12.45 -6.87
N ASN C 142 -2.07 11.39 -6.86
CA ASN C 142 -3.51 11.47 -6.68
C ASN C 142 -4.16 12.60 -7.46
N GLY C 143 -4.00 12.60 -8.75
CA GLY C 143 -4.71 13.59 -9.55
C GLY C 143 -3.95 14.86 -9.74
N GLU C 144 -2.95 15.16 -8.89
CA GLU C 144 -2.10 16.30 -9.13
C GLU C 144 -0.93 15.85 -10.02
N TRP C 145 -0.78 16.49 -11.18
CA TRP C 145 0.27 16.21 -12.14
C TRP C 145 1.26 17.37 -12.09
N ASN C 146 2.52 17.07 -11.78
CA ASN C 146 3.58 18.07 -11.69
C ASN C 146 4.70 17.72 -12.68
N LEU C 147 4.94 18.56 -13.68
CA LEU C 147 5.96 18.30 -14.68
C LEU C 147 7.11 19.25 -14.47
N VAL C 148 8.31 18.70 -14.37
CA VAL C 148 9.46 19.48 -14.01
C VAL C 148 10.63 19.18 -14.94
N ASP C 149 11.30 20.22 -15.42
N ASP C 149 11.28 20.23 -15.44
CA ASP C 149 12.49 20.02 -16.22
CA ASP C 149 12.49 20.07 -16.24
C ASP C 149 13.55 19.39 -15.34
C ASP C 149 13.55 19.40 -15.35
N MSE C 150 14.24 18.39 -15.86
CA MSE C 150 15.25 17.70 -15.09
C MSE C 150 16.37 18.61 -14.58
O MSE C 150 16.90 18.41 -13.48
CB MSE C 150 15.82 16.53 -15.89
CG MSE C 150 14.83 15.37 -15.96
SE MSE C 150 15.50 14.02 -17.17
CE MSE C 150 14.06 12.69 -16.95
N ALA C 151 16.70 19.64 -15.35
CA ALA C 151 17.64 20.67 -14.96
C ALA C 151 17.23 21.40 -13.67
N ASP C 152 15.93 21.37 -13.33
CA ASP C 152 15.42 22.13 -12.16
C ASP C 152 15.24 21.26 -10.91
N ILE C 153 15.68 20.01 -10.97
CA ILE C 153 15.57 19.09 -9.84
C ILE C 153 16.85 19.01 -9.05
N ARG C 154 16.79 19.34 -7.77
N ARG C 154 16.78 19.32 -7.77
CA ARG C 154 17.95 19.16 -6.91
CA ARG C 154 17.91 19.17 -6.88
C ARG C 154 17.83 17.79 -6.25
C ARG C 154 17.82 17.77 -6.26
N VAL C 155 18.72 16.88 -6.64
CA VAL C 155 18.69 15.50 -6.12
C VAL C 155 19.48 15.51 -4.83
N LEU C 156 18.81 15.42 -3.70
CA LEU C 156 19.50 15.54 -2.43
C LEU C 156 20.01 14.20 -1.95
N ARG C 157 19.35 13.14 -2.40
N ARG C 157 19.36 13.14 -2.38
CA ARG C 157 19.71 11.81 -1.99
CA ARG C 157 19.72 11.81 -1.96
C ARG C 157 19.20 10.86 -3.05
C ARG C 157 19.18 10.83 -2.99
N GLU C 158 19.86 9.70 -3.17
CA GLU C 158 19.37 8.62 -4.04
C GLU C 158 19.50 7.25 -3.33
N PRO C 159 18.87 6.19 -3.90
CA PRO C 159 18.93 4.86 -3.24
C PRO C 159 19.96 3.90 -3.86
N ASP D 3 -10.61 27.16 12.02
CA ASP D 3 -10.56 25.79 11.38
C ASP D 3 -9.24 25.07 11.69
N THR D 4 -8.09 25.75 11.62
CA THR D 4 -6.82 25.11 12.08
C THR D 4 -6.83 24.89 13.61
N ARG D 5 -7.63 25.65 14.36
CA ARG D 5 -7.67 25.50 15.82
C ARG D 5 -8.13 24.11 16.22
N LYS D 6 -8.98 23.50 15.38
CA LYS D 6 -9.53 22.17 15.55
C LYS D 6 -8.48 21.05 15.57
N LEU D 7 -7.27 21.35 15.09
CA LEU D 7 -6.21 20.36 15.06
C LEU D 7 -5.44 20.33 16.38
N LEU D 8 -5.65 21.35 17.22
CA LEU D 8 -5.02 21.44 18.53
C LEU D 8 -6.05 21.09 19.60
N LEU D 9 -5.67 20.18 20.49
CA LEU D 9 -6.46 19.85 21.68
C LEU D 9 -5.62 20.27 22.89
N THR D 10 -6.02 21.32 23.60
CA THR D 10 -5.28 21.67 24.79
C THR D 10 -5.49 20.57 25.86
N ALA D 11 -4.58 20.54 26.80
CA ALA D 11 -4.68 19.71 27.99
C ALA D 11 -6.02 19.86 28.67
N GLN D 12 -6.53 21.10 28.72
CA GLN D 12 -7.81 21.37 29.38
C GLN D 12 -8.98 20.78 28.59
N GLU D 13 -8.88 20.86 27.25
CA GLU D 13 -9.89 20.22 26.39
C GLU D 13 -9.85 18.74 26.57
N ILE D 14 -8.63 18.16 26.66
CA ILE D 14 -8.48 16.74 26.86
C ILE D 14 -9.06 16.30 28.23
N SER D 15 -8.80 17.06 29.29
CA SER D 15 -9.43 16.77 30.58
C SER D 15 -10.94 16.77 30.50
N ARG D 16 -11.52 17.68 29.72
N ARG D 16 -11.54 17.67 29.72
CA ARG D 16 -12.97 17.78 29.57
CA ARG D 16 -12.99 17.73 29.61
C ARG D 16 -13.59 16.71 28.66
C ARG D 16 -13.60 16.70 28.66
N MSE D 17 -12.80 16.07 27.81
CA MSE D 17 -13.34 14.97 26.95
C MSE D 17 -13.96 13.89 27.84
O MSE D 17 -13.38 13.55 28.85
CB MSE D 17 -12.27 14.32 26.09
CG MSE D 17 -11.78 15.23 25.03
SE MSE D 17 -10.31 14.45 24.07
CE MSE D 17 -11.20 13.04 23.05
N LYS D 18 -15.14 13.39 27.46
CA LYS D 18 -15.78 12.33 28.26
C LYS D 18 -15.02 11.01 28.16
N GLY D 19 -14.57 10.69 26.98
CA GLY D 19 -13.90 9.41 26.80
C GLY D 19 -14.97 8.34 26.62
N GLU D 20 -14.57 7.21 26.05
CA GLU D 20 -15.47 6.10 25.78
C GLU D 20 -15.11 4.90 26.62
N HIS D 21 -16.12 4.25 27.17
CA HIS D 21 -15.92 3.04 27.90
C HIS D 21 -15.68 1.96 26.86
N LYS D 22 -14.57 1.25 26.96
CA LYS D 22 -14.22 0.20 25.97
C LYS D 22 -13.91 -1.11 26.67
N VAL D 23 -14.48 -2.21 26.16
CA VAL D 23 -14.21 -3.55 26.69
C VAL D 23 -13.73 -4.40 25.48
N HIS D 24 -12.58 -5.06 25.62
CA HIS D 24 -12.01 -5.87 24.54
C HIS D 24 -12.95 -7.04 24.22
N PHE D 25 -13.19 -7.30 22.94
CA PHE D 25 -14.17 -8.35 22.53
C PHE D 25 -13.84 -9.77 23.00
N LEU D 26 -12.60 -10.03 23.41
CA LEU D 26 -12.22 -11.36 23.87
C LEU D 26 -11.85 -11.38 25.35
N ASN D 27 -11.91 -10.24 26.04
CA ASN D 27 -11.48 -10.22 27.45
C ASN D 27 -12.30 -9.21 28.25
N PRO D 28 -13.28 -9.71 29.02
CA PRO D 28 -14.17 -8.86 29.83
C PRO D 28 -13.44 -8.07 30.90
N GLY D 29 -12.21 -8.49 31.25
CA GLY D 29 -11.41 -7.74 32.22
C GLY D 29 -10.56 -6.63 31.59
N ALA D 30 -10.61 -6.52 30.25
CA ALA D 30 -9.88 -5.49 29.51
C ALA D 30 -10.82 -4.31 29.28
N VAL D 31 -10.92 -3.49 30.31
CA VAL D 31 -11.83 -2.38 30.39
C VAL D 31 -11.00 -1.12 30.57
N ARG D 32 -11.31 -0.10 29.76
N ARG D 32 -11.32 -0.11 29.76
CA ARG D 32 -10.64 1.17 29.83
CA ARG D 32 -10.60 1.13 29.81
C ARG D 32 -11.61 2.28 29.52
C ARG D 32 -11.55 2.28 29.44
N VAL D 33 -11.15 3.50 29.79
CA VAL D 33 -11.82 4.68 29.31
C VAL D 33 -10.84 5.21 28.25
N ASN D 34 -11.30 5.38 27.03
CA ASN D 34 -10.46 5.76 25.91
C ASN D 34 -10.81 7.15 25.40
N LYS D 35 -9.81 7.98 25.18
CA LYS D 35 -9.95 9.28 24.53
C LYS D 35 -9.15 9.21 23.24
N SER D 36 -9.85 9.22 22.10
CA SER D 36 -9.16 9.09 20.81
C SER D 36 -8.77 10.48 20.36
N LEU D 37 -7.52 10.81 20.68
CA LEU D 37 -6.96 12.11 20.30
C LEU D 37 -6.87 12.18 18.78
N GLY D 38 -6.43 11.09 18.14
CA GLY D 38 -6.35 11.12 16.68
C GLY D 38 -7.69 11.31 15.99
N ASP D 39 -8.73 10.64 16.44
CA ASP D 39 -10.04 10.82 15.80
C ASP D 39 -10.57 12.22 16.05
N ALA D 40 -10.27 12.82 17.17
CA ALA D 40 -10.79 14.15 17.47
C ALA D 40 -10.24 15.18 16.49
N VAL D 41 -9.02 15.01 15.99
CA VAL D 41 -8.43 15.99 15.07
C VAL D 41 -8.50 15.54 13.61
N GLY D 42 -8.92 14.31 13.38
CA GLY D 42 -9.09 13.84 12.03
C GLY D 42 -8.00 12.95 11.45
N LEU D 43 -7.11 12.40 12.28
CA LEU D 43 -6.13 11.46 11.77
C LEU D 43 -6.87 10.19 11.32
N ARG D 44 -6.47 9.62 10.17
CA ARG D 44 -7.08 8.40 9.67
C ARG D 44 -6.12 7.17 9.59
N HIS D 45 -4.81 7.37 9.57
CA HIS D 45 -3.87 6.26 9.39
C HIS D 45 -3.13 5.84 10.63
N MSE D 46 -3.30 6.59 11.71
N MSE D 46 -3.38 6.54 11.72
CA MSE D 46 -2.74 6.26 13.00
CA MSE D 46 -2.73 6.31 12.99
C MSE D 46 -3.81 6.41 14.03
C MSE D 46 -3.71 6.51 14.12
O MSE D 46 -4.67 7.27 13.91
O MSE D 46 -4.39 7.53 14.15
CB MSE D 46 -1.64 7.23 13.42
CB MSE D 46 -1.61 7.32 13.13
CG MSE D 46 -0.75 7.58 12.33
CG MSE D 46 -0.61 7.20 12.02
SE MSE D 46 0.82 8.59 12.90
SE MSE D 46 0.67 5.84 12.44
CE MSE D 46 0.03 10.19 13.30
CE MSE D 46 1.65 7.02 13.61
N GLY D 47 -3.74 5.57 15.07
CA GLY D 47 -4.55 5.75 16.27
C GLY D 47 -3.62 6.28 17.37
N ILE D 48 -4.07 7.31 18.06
CA ILE D 48 -3.36 7.87 19.19
C ILE D 48 -4.44 8.09 20.25
N HIS D 49 -4.37 7.24 21.26
CA HIS D 49 -5.37 7.18 22.31
C HIS D 49 -4.78 7.38 23.69
N LEU D 50 -5.48 8.19 24.48
CA LEU D 50 -5.12 8.38 25.85
C LEU D 50 -6.07 7.46 26.63
N ILE D 51 -5.50 6.49 27.34
CA ILE D 51 -6.32 5.50 28.01
C ILE D 51 -6.11 5.51 29.52
N GLN D 52 -7.17 5.17 30.22
CA GLN D 52 -7.20 5.03 31.66
C GLN D 52 -7.65 3.65 31.96
N ILE D 53 -6.82 2.95 32.73
CA ILE D 53 -7.06 1.58 33.12
C ILE D 53 -7.14 1.57 34.65
N GLU D 54 -8.25 1.13 35.20
CA GLU D 54 -8.38 1.15 36.66
C GLU D 54 -7.74 -0.07 37.31
N PRO D 55 -7.42 0.00 38.62
CA PRO D 55 -6.86 -1.17 39.28
C PRO D 55 -7.68 -2.46 39.09
N GLY D 56 -7.01 -3.55 38.84
CA GLY D 56 -7.66 -4.81 38.56
C GLY D 56 -8.06 -5.06 37.11
N LYS D 57 -7.85 -4.09 36.23
CA LYS D 57 -8.24 -4.26 34.84
C LYS D 57 -6.98 -4.33 33.92
N GLU D 58 -7.18 -4.79 32.68
N GLU D 58 -7.22 -4.71 32.66
CA GLU D 58 -6.13 -4.88 31.65
CA GLU D 58 -6.20 -4.89 31.64
C GLU D 58 -6.38 -3.98 30.47
C GLU D 58 -6.40 -4.01 30.44
N SER D 59 -5.34 -3.85 29.66
CA SER D 59 -5.33 -3.02 28.48
C SER D 59 -5.93 -3.66 27.23
N THR D 60 -5.97 -4.98 27.21
CA THR D 60 -6.26 -5.75 26.00
C THR D 60 -6.35 -7.23 26.36
N GLU D 61 -6.68 -8.06 25.36
CA GLU D 61 -6.43 -9.47 25.41
C GLU D 61 -5.04 -9.69 24.79
N TYR D 62 -4.21 -10.44 25.51
CA TYR D 62 -2.85 -10.81 25.08
C TYR D 62 -2.86 -11.10 23.61
N HIS D 63 -2.07 -10.34 22.84
CA HIS D 63 -2.17 -10.42 21.41
C HIS D 63 -0.86 -10.02 20.74
N LEU D 64 -0.82 -10.34 19.46
CA LEU D 64 0.32 -10.15 18.56
C LEU D 64 -0.24 -9.75 17.19
N HIS D 65 0.19 -8.60 16.68
CA HIS D 65 -0.17 -8.13 15.33
C HIS D 65 0.79 -8.61 14.26
N HIS D 66 0.27 -8.93 13.06
CA HIS D 66 1.09 -9.31 11.93
C HIS D 66 1.39 -8.12 11.03
N TYR D 67 0.49 -7.12 10.98
CA TYR D 67 0.64 -5.99 10.06
C TYR D 67 0.68 -4.60 10.71
N GLU D 68 -0.07 -4.39 11.78
CA GLU D 68 -0.06 -3.11 12.45
C GLU D 68 0.96 -3.04 13.57
N GLU D 69 1.79 -2.04 13.51
CA GLU D 69 2.66 -1.69 14.61
C GLU D 69 1.83 -1.00 15.70
N GLU D 70 2.34 -1.06 16.93
CA GLU D 70 1.70 -0.57 18.11
C GLU D 70 2.75 -0.19 19.12
N ALA D 71 2.48 0.84 19.92
CA ALA D 71 3.38 1.22 20.99
C ALA D 71 2.55 1.80 22.15
N VAL D 72 3.16 1.82 23.33
CA VAL D 72 2.58 2.35 24.55
C VAL D 72 3.59 3.21 25.32
N TYR D 73 3.16 4.41 25.72
CA TYR D 73 3.97 5.33 26.52
C TYR D 73 3.23 5.63 27.83
N VAL D 74 3.84 5.30 28.97
CA VAL D 74 3.16 5.43 30.24
C VAL D 74 3.24 6.88 30.75
N LEU D 75 2.08 7.45 31.05
CA LEU D 75 2.00 8.84 31.56
C LEU D 75 1.89 8.93 33.09
N SER D 76 1.10 8.07 33.74
CA SER D 76 0.97 8.12 35.18
C SER D 76 0.50 6.78 35.65
N GLY D 77 0.81 6.51 36.92
CA GLY D 77 0.45 5.26 37.55
C GLY D 77 1.46 4.16 37.23
N LYS D 78 1.10 2.93 37.57
N LYS D 78 1.15 2.96 37.76
CA LYS D 78 1.99 1.81 37.42
CA LYS D 78 1.94 1.73 37.67
C LYS D 78 1.23 0.61 36.92
C LYS D 78 1.21 0.64 36.89
N GLY D 79 1.95 -0.26 36.25
CA GLY D 79 1.36 -1.44 35.63
C GLY D 79 2.32 -2.62 35.57
N THR D 80 1.83 -3.74 35.05
CA THR D 80 2.63 -4.91 34.81
C THR D 80 2.45 -5.29 33.35
N LEU D 81 3.55 -5.27 32.62
CA LEU D 81 3.56 -5.66 31.24
C LEU D 81 3.83 -7.16 31.17
N THR D 82 2.97 -7.90 30.49
CA THR D 82 3.21 -9.29 30.19
C THR D 82 3.56 -9.34 28.70
N MSE D 83 4.75 -9.82 28.40
CA MSE D 83 5.27 -9.82 27.06
C MSE D 83 6.02 -11.14 26.86
O MSE D 83 6.93 -11.46 27.61
CB MSE D 83 6.14 -8.56 26.86
CG MSE D 83 6.83 -8.54 25.61
SE MSE D 83 7.64 -6.74 25.29
CE MSE D 83 9.00 -6.87 26.70
N GLU D 84 5.55 -11.95 25.89
CA GLU D 84 6.09 -13.30 25.68
C GLU D 84 6.28 -14.06 26.98
N ASN D 85 5.20 -14.12 27.74
CA ASN D 85 5.16 -14.86 29.01
C ASN D 85 6.16 -14.41 30.08
N ASP D 86 6.67 -13.17 30.00
CA ASP D 86 7.47 -12.61 31.07
C ASP D 86 6.77 -11.35 31.56
N GLN D 87 6.92 -11.06 32.85
N GLN D 87 7.03 -11.01 32.81
CA GLN D 87 6.32 -9.87 33.42
CA GLN D 87 6.35 -9.95 33.48
C GLN D 87 7.38 -8.84 33.68
C GLN D 87 7.35 -8.83 33.78
N TYR D 88 7.00 -7.59 33.43
CA TYR D 88 7.84 -6.44 33.71
C TYR D 88 7.01 -5.33 34.34
N PRO D 89 7.48 -4.77 35.48
CA PRO D 89 6.78 -3.59 35.99
C PRO D 89 6.99 -2.44 35.07
N ILE D 90 5.94 -1.63 34.87
CA ILE D 90 6.07 -0.39 34.07
C ILE D 90 5.56 0.81 34.91
N ALA D 91 6.03 2.00 34.54
CA ALA D 91 5.89 3.18 35.34
C ALA D 91 6.04 4.39 34.44
N PRO D 92 5.71 5.60 34.93
CA PRO D 92 5.67 6.78 34.04
C PRO D 92 6.96 7.03 33.28
N GLY D 93 6.82 7.30 32.00
CA GLY D 93 7.99 7.53 31.14
C GLY D 93 8.54 6.28 30.47
N ASP D 94 7.99 5.12 30.78
CA ASP D 94 8.39 3.89 30.13
C ASP D 94 7.72 3.82 28.77
N PHE D 95 8.44 3.25 27.80
CA PHE D 95 7.93 3.05 26.46
C PHE D 95 8.09 1.60 26.07
N VAL D 96 7.11 1.03 25.41
CA VAL D 96 7.26 -0.32 24.88
C VAL D 96 6.71 -0.27 23.47
N GLY D 97 7.46 -0.82 22.51
CA GLY D 97 6.99 -0.85 21.14
C GLY D 97 7.01 -2.27 20.55
N PHE D 98 6.09 -2.48 19.62
CA PHE D 98 5.84 -3.79 19.03
C PHE D 98 5.95 -3.76 17.48
N PRO D 99 7.14 -4.04 16.96
CA PRO D 99 7.25 -4.36 15.55
C PRO D 99 6.37 -5.58 15.28
N CYS D 100 5.85 -5.69 14.07
CA CYS D 100 5.04 -6.86 13.74
C CYS D 100 5.73 -8.16 13.99
N HIS D 101 4.97 -9.13 14.48
CA HIS D 101 5.47 -10.47 14.80
C HIS D 101 6.53 -10.56 15.90
N ALA D 102 6.85 -9.49 16.58
CA ALA D 102 7.92 -9.51 17.58
C ALA D 102 7.54 -10.12 18.94
N ALA D 103 6.40 -9.72 19.50
CA ALA D 103 6.05 -10.12 20.86
C ALA D 103 4.58 -9.95 21.15
N ALA D 104 3.94 -10.98 21.67
CA ALA D 104 2.60 -10.88 22.23
C ALA D 104 2.65 -10.18 23.57
N HIS D 105 1.64 -9.36 23.83
CA HIS D 105 1.62 -8.64 25.09
C HIS D 105 0.24 -8.28 25.60
N SER D 106 0.19 -7.98 26.89
N SER D 106 0.20 -7.95 26.88
CA SER D 106 -0.93 -7.30 27.53
CA SER D 106 -0.93 -7.27 27.52
C SER D 106 -0.39 -6.51 28.72
C SER D 106 -0.39 -6.53 28.73
N ILE D 107 -1.15 -5.53 29.18
CA ILE D 107 -0.78 -4.74 30.35
C ILE D 107 -1.92 -4.83 31.38
N SER D 108 -1.54 -5.02 32.63
N SER D 108 -1.55 -5.02 32.65
CA SER D 108 -2.52 -5.02 33.69
CA SER D 108 -2.54 -5.08 33.72
C SER D 108 -2.15 -3.94 34.71
C SER D 108 -2.17 -4.15 34.86
N ASN D 109 -3.16 -3.40 35.37
CA ASN D 109 -2.95 -2.46 36.43
C ASN D 109 -3.21 -3.20 37.71
N ASP D 110 -2.13 -3.64 38.33
CA ASP D 110 -2.26 -4.28 39.60
C ASP D 110 -1.83 -3.30 40.69
N GLY D 111 -1.75 -2.01 40.38
CA GLY D 111 -1.44 -1.00 41.39
C GLY D 111 -2.66 -0.45 42.12
N THR D 112 -2.51 0.70 42.77
CA THR D 112 -3.62 1.30 43.49
C THR D 112 -4.19 2.55 42.81
N GLU D 113 -3.47 3.15 41.89
N GLU D 113 -3.39 3.19 41.94
CA GLU D 113 -3.98 4.34 41.23
CA GLU D 113 -3.80 4.37 41.17
C GLU D 113 -4.23 4.05 39.76
C GLU D 113 -4.33 3.98 39.78
N THR D 114 -5.02 4.90 39.11
CA THR D 114 -5.34 4.75 37.69
C THR D 114 -4.01 4.68 36.87
N LEU D 115 -3.98 3.81 35.86
CA LEU D 115 -2.82 3.74 34.97
C LEU D 115 -3.23 4.50 33.72
N VAL D 116 -2.47 5.52 33.38
CA VAL D 116 -2.76 6.35 32.25
C VAL D 116 -1.66 6.20 31.22
N CYS D 117 -2.03 5.84 30.00
CA CYS D 117 -1.09 5.68 28.89
C CYS D 117 -1.53 6.32 27.60
N LEU D 118 -0.55 6.56 26.74
CA LEU D 118 -0.82 6.89 25.35
C LEU D 118 -0.58 5.63 24.57
N VAL D 119 -1.53 5.21 23.78
CA VAL D 119 -1.37 4.04 22.91
C VAL D 119 -1.34 4.56 21.50
N ILE D 120 -0.34 4.14 20.72
CA ILE D 120 -0.06 4.66 19.41
C ILE D 120 -0.02 3.47 18.49
N GLY D 121 -0.82 3.49 17.44
CA GLY D 121 -0.86 2.34 16.53
C GLY D 121 -1.08 2.73 15.11
N GLN D 122 -0.66 1.88 14.18
CA GLN D 122 -1.07 2.07 12.79
C GLN D 122 -2.51 1.70 12.65
N ARG D 123 -3.18 2.29 11.68
CA ARG D 123 -4.52 1.86 11.32
C ARG D 123 -4.47 1.40 9.89
N LEU D 124 -4.63 0.10 9.66
CA LEU D 124 -4.62 -0.48 8.34
C LEU D 124 -5.92 -1.16 8.00
N ASP D 125 -6.25 -1.25 6.74
CA ASP D 125 -7.51 -1.90 6.31
C ASP D 125 -7.43 -3.42 6.49
N GLN D 126 -6.21 -3.95 6.46
CA GLN D 126 -5.97 -5.40 6.66
C GLN D 126 -4.97 -5.67 7.76
N ASP D 127 -5.34 -6.60 8.65
CA ASP D 127 -4.42 -7.04 9.67
C ASP D 127 -4.77 -8.48 10.00
N VAL D 128 -3.82 -9.15 10.67
CA VAL D 128 -4.01 -10.45 11.24
C VAL D 128 -3.53 -10.32 12.68
N VAL D 129 -4.33 -10.81 13.63
CA VAL D 129 -4.01 -10.66 15.06
C VAL D 129 -4.16 -11.99 15.74
N ASP D 130 -3.09 -12.46 16.37
CA ASP D 130 -3.16 -13.67 17.17
C ASP D 130 -3.44 -13.40 18.64
N TYR D 131 -4.22 -14.30 19.26
CA TYR D 131 -4.56 -14.29 20.67
C TYR D 131 -4.10 -15.61 21.26
N PRO D 132 -2.83 -15.67 21.66
CA PRO D 132 -2.28 -17.00 22.03
C PRO D 132 -2.98 -17.69 23.19
N ASN D 133 -3.49 -16.95 24.18
CA ASN D 133 -4.15 -17.60 25.28
C ASN D 133 -5.52 -18.12 24.90
N GLN D 134 -6.11 -17.61 23.83
CA GLN D 134 -7.41 -18.09 23.35
C GLN D 134 -7.24 -19.10 22.20
N HIS D 135 -6.02 -19.20 21.66
N HIS D 135 -6.00 -19.27 21.72
CA HIS D 135 -5.79 -20.06 20.53
CA HIS D 135 -5.64 -20.17 20.59
C HIS D 135 -6.69 -19.64 19.34
C HIS D 135 -6.49 -19.88 19.33
N LYS D 136 -6.74 -18.33 19.06
N LYS D 136 -6.62 -18.58 19.05
CA LYS D 136 -7.54 -17.81 17.98
CA LYS D 136 -7.36 -18.09 17.89
C LYS D 136 -6.73 -16.81 17.15
C LYS D 136 -6.64 -16.95 17.13
N ARG D 137 -7.00 -16.82 15.85
CA ARG D 137 -6.45 -15.86 14.94
C ARG D 137 -7.58 -15.09 14.32
N LEU D 138 -7.40 -13.78 14.30
CA LEU D 138 -8.36 -12.85 13.71
C LEU D 138 -7.79 -12.35 12.41
N TYR D 139 -8.53 -12.57 11.32
CA TYR D 139 -8.24 -11.98 10.07
C TYR D 139 -9.23 -10.81 9.92
N ARG D 140 -8.70 -9.57 9.83
CA ARG D 140 -9.55 -8.42 9.67
C ARG D 140 -9.27 -7.83 8.30
N ASN D 141 -10.30 -7.82 7.46
CA ASN D 141 -10.16 -7.44 6.06
C ASN D 141 -11.23 -6.43 5.64
N ASN D 142 -10.88 -5.15 5.61
CA ASN D 142 -11.84 -4.08 5.26
C ASN D 142 -13.24 -4.25 5.88
N GLY D 143 -13.27 -4.37 7.20
CA GLY D 143 -14.60 -4.42 7.82
C GLY D 143 -15.14 -5.83 8.04
N GLU D 144 -14.65 -6.82 7.28
CA GLU D 144 -14.97 -8.21 7.57
C GLU D 144 -14.01 -8.77 8.64
N TRP D 145 -14.56 -9.27 9.71
CA TRP D 145 -13.77 -9.87 10.78
C TRP D 145 -14.05 -11.37 10.77
N ASN D 146 -13.00 -12.15 10.71
CA ASN D 146 -13.11 -13.59 10.68
C ASN D 146 -12.22 -14.14 11.81
N LEU D 147 -12.82 -14.79 12.82
CA LEU D 147 -12.09 -15.33 13.96
C LEU D 147 -12.08 -16.83 13.82
N VAL D 148 -10.89 -17.41 13.85
CA VAL D 148 -10.68 -18.83 13.56
C VAL D 148 -9.83 -19.51 14.65
N ASP D 149 -10.31 -20.62 15.19
CA ASP D 149 -9.49 -21.39 16.07
C ASP D 149 -8.23 -21.87 15.34
N MSE D 150 -7.09 -21.71 15.99
N MSE D 150 -7.09 -21.69 16.00
CA MSE D 150 -5.84 -22.07 15.39
CA MSE D 150 -5.80 -22.10 15.46
C MSE D 150 -5.78 -23.56 15.03
C MSE D 150 -5.80 -23.56 15.02
O MSE D 150 -5.07 -23.91 14.09
O MSE D 150 -5.17 -23.90 14.02
CB MSE D 150 -4.70 -21.71 16.34
CB MSE D 150 -4.71 -21.91 16.51
CG MSE D 150 -4.46 -20.22 16.41
CG MSE D 150 -4.35 -20.47 16.77
SE MSE D 150 -3.11 -19.80 17.74
SE MSE D 150 -3.34 -19.61 15.34
CE MSE D 150 -3.07 -17.85 17.51
CE MSE D 150 -2.73 -18.09 16.36
N ALA D 151 -6.51 -24.40 15.77
CA ALA D 151 -6.59 -25.81 15.45
C ALA D 151 -7.29 -26.09 14.09
N ASP D 152 -8.07 -25.12 13.59
CA ASP D 152 -8.73 -25.26 12.32
C ASP D 152 -7.99 -24.62 11.11
N ILE D 153 -6.79 -24.15 11.34
CA ILE D 153 -6.03 -23.51 10.28
C ILE D 153 -5.04 -24.50 9.66
N ARG D 154 -5.17 -24.73 8.36
CA ARG D 154 -4.23 -25.57 7.64
C ARG D 154 -3.22 -24.67 6.95
N VAL D 155 -1.95 -24.79 7.35
CA VAL D 155 -0.91 -23.97 6.79
C VAL D 155 -0.37 -24.60 5.53
N LEU D 156 -0.28 -23.80 4.47
CA LEU D 156 0.17 -24.33 3.20
C LEU D 156 1.55 -23.78 2.84
N ARG D 157 2.28 -24.53 2.02
CA ARG D 157 3.53 -23.98 1.48
C ARG D 157 3.24 -23.21 0.19
N GLU D 158 4.03 -22.18 -0.04
CA GLU D 158 3.95 -21.40 -1.32
C GLU D 158 3.54 -22.09 -2.62
CL CL E . 13.18 3.92 34.86
CL CL F . 2.69 24.55 -6.82
S CXS G . 14.02 12.65 28.65
O1 CXS G . 13.98 14.13 28.53
O2 CXS G . 14.62 12.14 29.89
O3 CXS G . 14.81 12.13 27.50
C1 CXS G . 12.37 12.23 28.70
C2 CXS G . 11.64 12.80 29.91
C3 CXS G . 10.20 12.31 29.94
N CXS G . 9.51 12.47 31.21
C4 CXS G . 8.30 11.71 31.50
C5 CXS G . 7.17 12.17 30.62
C6 CXS G . 5.95 11.28 30.89
C7 CXS G . 5.42 11.50 32.28
C8 CXS G . 6.51 11.12 33.27
C9 CXS G . 7.84 11.84 32.97
C1 EDO H . -8.21 21.10 9.03
O1 EDO H . -8.73 21.64 10.24
C2 EDO H . -7.82 22.26 8.12
O2 EDO H . -7.03 23.19 8.88
C1 EDO I . 15.70 -2.89 16.83
O1 EDO I . 15.60 -4.27 16.47
C2 EDO I . 17.11 -2.32 16.66
O2 EDO I . 18.00 -2.93 17.62
C1 EDO J . 8.04 18.10 13.72
O1 EDO J . 7.36 18.20 12.46
C2 EDO J . 7.06 18.55 14.80
O2 EDO J . 6.94 19.97 14.72
CL CL K . -9.95 -30.95 2.91
S CXS L . 1.59 -20.34 -28.03
O1 CXS L . 0.27 -21.04 -27.89
O2 CXS L . 2.30 -20.84 -29.22
O3 CXS L . 2.43 -20.57 -26.83
C1 CXS L . 1.28 -18.70 -28.30
C2 CXS L . 0.33 -18.51 -29.47
C3 CXS L . 0.04 -17.05 -29.75
N CXS L . -0.49 -16.78 -31.06
C4 CXS L . -0.63 -15.41 -31.53
C5 CXS L . -1.65 -14.64 -30.70
C6 CXS L . -1.69 -13.17 -31.16
C7 CXS L . -2.00 -13.06 -32.65
C8 CXS L . -1.11 -13.95 -33.50
C9 CXS L . -1.05 -15.38 -33.00
C1 EDO M . 2.63 -18.11 -32.97
O1 EDO M . 2.30 -16.86 -32.32
C2 EDO M . 1.54 -18.55 -33.93
O2 EDO M . 0.27 -18.64 -33.26
C1 EDO N . -7.70 -18.34 -14.35
O1 EDO N . -8.07 -17.91 -13.03
C2 EDO N . -8.78 -18.02 -15.35
O2 EDO N . -9.83 -19.00 -15.17
C1 EDO O . -16.32 -25.00 -25.19
O1 EDO O . -16.39 -25.46 -23.84
C2 EDO O . -17.25 -25.82 -26.07
O2 EDO O . -17.69 -24.99 -27.14
C1 EDO P . -23.29 -15.73 -24.66
O1 EDO P . -24.23 -15.37 -23.66
C2 EDO P . -22.76 -14.47 -25.32
O2 EDO P . -21.44 -14.78 -25.75
C1 EDO Q . 16.68 -12.36 -26.00
O1 EDO Q . 16.66 -12.19 -24.58
C2 EDO Q . 17.83 -13.23 -26.46
O2 EDO Q . 17.73 -14.48 -25.78
C1 EDO R . 20.50 -12.14 -28.57
O1 EDO R . 19.25 -11.50 -28.66
C2 EDO R . 20.34 -13.65 -28.74
O2 EDO R . 20.12 -14.23 -27.43
C1 EDO S . 12.89 -16.61 -22.49
O1 EDO S . 12.01 -17.16 -21.52
C2 EDO S . 12.28 -17.02 -23.83
O2 EDO S . 13.16 -17.90 -24.53
S CXS T . -10.90 -4.84 -32.35
O1 CXS T . -11.03 -3.59 -31.56
O2 CXS T . -10.34 -4.42 -33.66
O3 CXS T . -12.24 -5.50 -32.48
C1 CXS T . -9.81 -5.96 -31.72
C2 CXS T . -9.39 -7.08 -32.68
C3 CXS T . -8.65 -8.22 -31.99
N CXS T . -9.05 -9.52 -32.53
C4 CXS T . -8.25 -10.76 -32.46
C5 CXS T . -9.16 -11.95 -32.09
C6 CXS T . -8.40 -13.27 -32.10
C7 CXS T . -7.17 -13.21 -31.20
C8 CXS T . -6.29 -12.02 -31.56
C9 CXS T . -7.10 -10.74 -31.46
C1 EDO U . 2.93 1.44 -25.04
O1 EDO U . 4.13 1.95 -25.67
C2 EDO U . 2.30 2.51 -24.15
O2 EDO U . 3.16 2.89 -23.05
C1 EDO V . 7.97 -1.35 -39.78
O1 EDO V . 7.92 -2.69 -40.23
C2 EDO V . 7.01 -1.26 -38.59
O2 EDO V . 7.29 -0.08 -37.84
S CXS W . -6.36 13.08 31.11
O1 CXS W . -6.44 12.68 32.55
O2 CXS W . -6.61 14.56 31.00
O3 CXS W . -7.32 12.26 30.31
C1 CXS W . -4.76 12.81 30.60
C2 CXS W . -3.69 13.25 31.58
C3 CXS W . -2.39 13.64 30.87
N CXS W . -1.47 14.39 31.66
C4 CXS W . -0.25 14.98 31.09
C5 CXS W . 0.69 13.88 30.57
C6 CXS W . 2.16 14.13 30.86
C7 CXS W . 2.43 15.58 30.57
C8 CXS W . 1.75 16.46 31.59
C9 CXS W . 0.47 15.82 32.14
C1 EDO X . -1.15 -20.83 13.22
O1 EDO X . -0.96 -21.37 14.54
C2 EDO X . -1.30 -21.96 12.21
O2 EDO X . -1.53 -23.19 12.88
C1 EDO Y . -3.25 -2.12 23.98
O1 EDO Y . -2.87 -2.99 22.92
C2 EDO Y . -2.00 -1.75 24.74
O2 EDO Y . -1.72 -2.79 25.69
#